data_4K6L
#
_entry.id   4K6L
#
_cell.length_a   78.386
_cell.length_b   261.076
_cell.length_c   109.896
_cell.angle_alpha   90.00
_cell.angle_beta   90.00
_cell.angle_gamma   90.00
#
_symmetry.space_group_name_H-M   'C 2 2 21'
#
loop_
_entity.id
_entity.type
_entity.pdbx_description
1 polymer 'Putative pertussis-like toxin subunit'
2 polymer 'Cytolethal distending toxin subunit B homolog'
3 polymer 'Putative pertussis-like toxin subunit'
4 non-polymer GLYCEROL
5 water water
#
loop_
_entity_poly.entity_id
_entity_poly.type
_entity_poly.pdbx_seq_one_letter_code
_entity_poly.pdbx_strand_id
1 'polypeptide(L)'
;EWTGDNTNAYYSDEVISELHVGQIDTSPYFCIKTVKANGSGTPVVACAVSKQSIWAPSFKELLDQARYFYSTGQSVRIHV
QKNIWTYPLFVNTFSANALVGLSSCSATQCFGPK
;
A,B,C,D,E
2 'polypeptide(L)'
;NISDYKVMTWNLQGSSASTESKWNVNVRQLLSGTAGVDILMVQEAGAVPTSAVPTGRHIQPFGVGIPIDEYTWNLGTTSR
QDIRYIYHSAIDVGARRVNLAIVSRQRADNVYVLRPTTVASRPVIGIGLGNDVFLTAHALASGGPDAAAIVRVTINFFRQ
PQMRHLSWFLAGDFNRSPDRLENDLMTEHLERVVAVLAPTEPTQIGGGILDYGVIVDRAPYSQRVEALRNPQLASDHYPV
AFLARSCLEHHHHHH
;
F
3 'polypeptide(L)'
;VDFVYRVDSTPPDVIFRDGFSLLGYNRNFQQFISGRSCSGGSSDSRYIATTSSVNQTYAIARAYYSRSTFKGNLYRYQIR
ADNNFYSLLPSITYLETQGGHFNAYEKTMMRLQREYVSTLSILPENIQKAVALVYDSATGLVKDGVSTMNASYLGLSTTS
NPGVIPFLPEPQTYTQQRIDAFGPLISSCFSIGSVCHSHRGQRADVYNMSFYDARPVIELILSK
;
G
#
loop_
_chem_comp.id
_chem_comp.type
_chem_comp.name
_chem_comp.formula
GOL non-polymer GLYCEROL 'C3 H8 O3'
#
# COMPACT_ATOMS: atom_id res chain seq x y z
N GLU A 1 6.19 22.47 35.48
CA GLU A 1 6.80 21.25 34.96
C GLU A 1 6.54 21.21 33.47
N TRP A 2 7.60 21.02 32.70
CA TRP A 2 7.47 20.92 31.26
C TRP A 2 8.41 19.84 30.73
N THR A 3 7.99 19.16 29.67
CA THR A 3 8.83 18.20 28.97
C THR A 3 10.21 18.82 28.70
N GLY A 4 10.21 20.10 28.38
CA GLY A 4 11.44 20.80 28.05
C GLY A 4 12.19 21.41 29.22
N ASP A 5 11.81 21.05 30.44
CA ASP A 5 12.57 21.47 31.61
C ASP A 5 14.00 20.93 31.43
N ASN A 6 14.99 21.78 31.69
CA ASN A 6 16.38 21.39 31.47
C ASN A 6 16.83 20.28 32.42
N THR A 7 16.09 20.10 33.51
CA THR A 7 16.37 19.05 34.48
C THR A 7 15.95 17.68 33.96
N ASN A 8 15.21 17.67 32.86
CA ASN A 8 14.87 16.44 32.17
C ASN A 8 15.97 16.04 31.20
N ALA A 9 15.95 14.79 30.75
CA ALA A 9 16.93 14.33 29.77
C ALA A 9 16.25 13.90 28.48
N TYR A 10 16.96 14.06 27.37
CA TYR A 10 16.46 13.65 26.07
C TYR A 10 17.51 12.95 25.22
N TYR A 11 17.05 12.14 24.26
CA TYR A 11 17.96 11.40 23.38
C TYR A 11 17.48 11.52 21.93
N SER A 12 18.34 12.03 21.05
CA SER A 12 17.95 12.31 19.66
C SER A 12 18.21 11.17 18.68
N ASP A 13 17.50 11.20 17.56
CA ASP A 13 17.67 10.22 16.48
C ASP A 13 17.54 8.79 16.98
N GLU A 14 16.54 8.56 17.82
CA GLU A 14 16.29 7.23 18.34
C GLU A 14 15.09 6.66 17.61
N VAL A 15 15.01 5.34 17.58
CA VAL A 15 13.87 4.65 16.99
C VAL A 15 13.25 3.75 18.04
N ILE A 16 11.95 3.86 18.24
CA ILE A 16 11.25 3.00 19.18
C ILE A 16 11.23 1.57 18.63
N SER A 17 11.95 0.67 19.29
CA SER A 17 12.18 -0.67 18.77
C SER A 17 11.31 -1.73 19.46
N GLU A 18 10.90 -1.46 20.69
CA GLU A 18 10.05 -2.40 21.43
C GLU A 18 8.94 -1.66 22.19
N LEU A 19 7.83 -2.36 22.43
CA LEU A 19 6.69 -1.77 23.13
C LEU A 19 6.02 -2.75 24.11
N HIS A 20 5.71 -2.30 25.32
CA HIS A 20 5.08 -3.14 26.34
C HIS A 20 3.93 -2.41 27.02
N VAL A 21 2.85 -3.15 27.31
CA VAL A 21 1.68 -2.62 28.01
C VAL A 21 1.26 -3.56 29.15
N GLY A 22 1.03 -3.00 30.33
CA GLY A 22 0.61 -3.78 31.47
C GLY A 22 -0.09 -2.96 32.55
N GLN A 23 -0.17 -3.53 33.76
CA GLN A 23 -0.80 -2.85 34.89
C GLN A 23 0.02 -3.00 36.17
N ILE A 24 0.11 -1.91 36.94
CA ILE A 24 0.80 -1.92 38.22
C ILE A 24 0.06 -1.05 39.23
N ASP A 25 -0.19 -1.61 40.42
CA ASP A 25 -0.91 -0.91 41.49
C ASP A 25 -2.21 -0.28 41.00
N THR A 26 -3.07 -1.08 40.37
CA THR A 26 -4.36 -0.64 39.81
C THR A 26 -4.23 0.37 38.66
N SER A 27 -3.00 0.63 38.21
CA SER A 27 -2.78 1.63 37.18
C SER A 27 -2.22 1.02 35.90
N PRO A 28 -2.90 1.24 34.78
CA PRO A 28 -2.35 0.82 33.48
C PRO A 28 -1.08 1.60 33.16
N TYR A 29 -0.11 0.93 32.55
CA TYR A 29 1.15 1.58 32.20
C TYR A 29 1.70 1.01 30.90
N PHE A 30 2.62 1.73 30.29
CA PHE A 30 3.35 1.22 29.14
C PHE A 30 4.82 1.61 29.21
N CYS A 31 5.68 0.83 28.55
CA CYS A 31 7.10 1.13 28.47
C CYS A 31 7.57 0.98 27.03
N ILE A 32 8.53 1.80 26.63
CA ILE A 32 9.12 1.69 25.30
C ILE A 32 10.62 1.51 25.37
N LYS A 33 11.18 0.89 24.34
CA LYS A 33 12.61 0.79 24.22
C LYS A 33 13.01 1.47 22.92
N THR A 34 13.95 2.40 23.01
CA THR A 34 14.39 3.10 21.81
C THR A 34 15.87 2.87 21.64
N VAL A 35 16.29 2.81 20.38
CA VAL A 35 17.68 2.62 20.03
C VAL A 35 18.09 3.63 18.95
N LYS A 36 19.37 4.00 18.91
CA LYS A 36 19.90 4.92 17.90
C LYS A 36 19.63 4.39 16.49
N ALA A 37 19.28 5.29 15.58
CA ALA A 37 18.92 4.89 14.22
C ALA A 37 20.07 4.19 13.51
N ASN A 38 21.31 4.58 13.80
CA ASN A 38 22.49 3.97 13.15
C ASN A 38 22.99 2.65 13.76
N GLY A 39 22.45 2.25 14.91
CA GLY A 39 22.84 0.99 15.52
C GLY A 39 23.82 1.14 16.65
N SER A 40 24.24 2.39 16.91
CA SER A 40 25.26 2.67 17.92
C SER A 40 24.68 2.94 19.32
N GLY A 41 25.57 3.16 20.28
CA GLY A 41 25.19 3.54 21.62
C GLY A 41 24.40 2.50 22.41
N THR A 42 23.81 2.94 23.52
CA THR A 42 23.03 2.06 24.37
C THR A 42 21.53 2.42 24.28
N PRO A 43 20.67 1.39 24.21
CA PRO A 43 19.22 1.58 24.15
C PRO A 43 18.68 2.41 25.32
N VAL A 44 17.62 3.17 25.05
CA VAL A 44 16.95 3.96 26.09
C VAL A 44 15.60 3.34 26.41
N VAL A 45 15.33 3.14 27.69
CA VAL A 45 14.05 2.60 28.13
C VAL A 45 13.34 3.59 29.04
N ALA A 46 12.09 3.90 28.71
CA ALA A 46 11.27 4.80 29.51
C ALA A 46 9.88 4.22 29.72
N CYS A 47 9.21 4.65 30.79
CA CYS A 47 7.87 4.16 31.09
C CYS A 47 6.94 5.31 31.48
N ALA A 48 5.65 5.10 31.26
CA ALA A 48 4.64 6.04 31.74
C ALA A 48 3.56 5.29 32.49
N VAL A 49 3.25 5.73 33.71
CA VAL A 49 2.21 5.08 34.50
C VAL A 49 1.03 6.03 34.66
N SER A 50 -0.16 5.54 34.32
CA SER A 50 -1.34 6.38 34.16
C SER A 50 -1.71 7.17 35.42
N LYS A 51 -1.68 6.52 36.58
CA LYS A 51 -2.12 7.18 37.81
C LYS A 51 -0.98 7.67 38.69
N GLN A 52 0.25 7.64 38.18
CA GLN A 52 1.41 7.97 39.01
C GLN A 52 2.27 9.07 38.41
N SER A 53 3.05 9.73 39.27
CA SER A 53 3.94 10.83 38.89
C SER A 53 3.17 12.04 38.36
N ILE A 54 3.91 13.12 38.10
CA ILE A 54 3.29 14.36 37.62
C ILE A 54 2.93 14.26 36.13
N TRP A 55 3.51 13.28 35.45
CA TRP A 55 3.30 13.12 34.01
C TRP A 55 2.08 12.24 33.71
N ALA A 56 1.33 11.93 34.76
CA ALA A 56 0.11 11.15 34.67
C ALA A 56 -0.95 11.66 33.67
N PRO A 57 -1.22 12.98 33.63
CA PRO A 57 -2.28 13.46 32.72
C PRO A 57 -1.99 13.24 31.24
N SER A 58 -0.74 12.95 30.89
CA SER A 58 -0.36 12.78 29.49
C SER A 58 -0.20 11.32 29.10
N PHE A 59 -0.70 10.42 29.93
CA PHE A 59 -0.52 8.99 29.69
C PHE A 59 -1.10 8.53 28.35
N LYS A 60 -2.38 8.81 28.11
CA LYS A 60 -3.03 8.38 26.89
C LYS A 60 -2.38 9.02 25.65
N GLU A 61 -2.12 10.31 25.72
CA GLU A 61 -1.52 11.02 24.58
C GLU A 61 -0.15 10.46 24.23
N LEU A 62 0.65 10.18 25.25
CA LEU A 62 1.98 9.62 25.05
C LEU A 62 1.88 8.19 24.56
N LEU A 63 0.87 7.47 25.04
CA LEU A 63 0.68 6.08 24.61
C LEU A 63 0.35 6.00 23.13
N ASP A 64 -0.61 6.80 22.68
CA ASP A 64 -0.99 6.83 21.27
C ASP A 64 0.19 7.27 20.40
N GLN A 65 0.95 8.24 20.87
CA GLN A 65 2.07 8.75 20.08
C GLN A 65 3.22 7.75 20.04
N ALA A 66 3.47 7.06 21.16
CA ALA A 66 4.50 6.04 21.20
C ALA A 66 4.13 4.88 20.30
N ARG A 67 2.88 4.45 20.39
CA ARG A 67 2.35 3.39 19.54
C ARG A 67 2.47 3.76 18.06
N TYR A 68 2.17 5.02 17.75
CA TYR A 68 2.25 5.50 16.37
C TYR A 68 3.67 5.47 15.79
N PHE A 69 4.60 6.09 16.50
CA PHE A 69 5.98 6.16 16.05
C PHE A 69 6.61 4.77 15.94
N TYR A 70 6.14 3.86 16.79
CA TYR A 70 6.59 2.48 16.76
C TYR A 70 6.21 1.78 15.46
N SER A 71 5.00 2.06 14.96
CA SER A 71 4.53 1.41 13.73
C SER A 71 5.30 1.93 12.50
N THR A 72 5.54 3.24 12.46
CA THR A 72 6.25 3.86 11.35
C THR A 72 7.76 3.65 11.41
N GLY A 73 8.31 3.42 12.60
CA GLY A 73 9.74 3.25 12.73
C GLY A 73 10.46 4.57 12.54
N GLN A 74 9.74 5.65 12.83
CA GLN A 74 10.25 7.00 12.61
C GLN A 74 11.34 7.40 13.60
N SER A 75 12.25 8.26 13.15
CA SER A 75 13.32 8.76 13.99
C SER A 75 12.74 9.75 14.98
N VAL A 76 12.99 9.55 16.26
CA VAL A 76 12.40 10.44 17.27
C VAL A 76 13.40 10.91 18.30
N ARG A 77 13.06 11.99 18.99
CA ARG A 77 13.79 12.41 20.17
C ARG A 77 12.94 12.01 21.35
N ILE A 78 13.51 11.22 22.26
CA ILE A 78 12.75 10.75 23.41
C ILE A 78 13.13 11.53 24.67
N HIS A 79 12.12 12.09 25.32
CA HIS A 79 12.34 12.90 26.50
C HIS A 79 11.92 12.14 27.75
N VAL A 80 12.82 12.06 28.72
CA VAL A 80 12.54 11.34 29.96
C VAL A 80 12.89 12.15 31.21
N GLN A 81 12.26 11.78 32.33
CA GLN A 81 12.74 12.27 33.62
C GLN A 81 13.29 11.07 34.38
N LYS A 82 14.54 11.16 34.80
CA LYS A 82 15.23 10.05 35.42
C LYS A 82 14.80 9.89 36.87
N ASN A 83 14.98 8.67 37.40
CA ASN A 83 14.74 8.38 38.81
C ASN A 83 13.34 8.72 39.30
N ILE A 84 12.32 8.18 38.63
CA ILE A 84 10.94 8.42 39.01
C ILE A 84 10.32 7.16 39.60
N TRP A 85 10.45 6.04 38.89
CA TRP A 85 9.88 4.78 39.36
C TRP A 85 10.78 4.15 40.41
N THR A 86 10.18 3.60 41.45
CA THR A 86 10.93 3.16 42.63
C THR A 86 10.88 1.65 42.87
N TYR A 87 9.80 1.02 42.42
CA TYR A 87 9.59 -0.41 42.63
C TYR A 87 10.73 -1.20 41.98
N PRO A 88 11.49 -1.96 42.79
CA PRO A 88 12.67 -2.70 42.34
C PRO A 88 12.40 -3.65 41.16
N LEU A 89 11.30 -4.39 41.21
CA LEU A 89 10.98 -5.33 40.14
C LEU A 89 10.68 -4.60 38.83
N PHE A 90 10.02 -3.46 38.93
CA PHE A 90 9.69 -2.63 37.78
C PHE A 90 10.92 -2.06 37.09
N VAL A 91 11.83 -1.50 37.89
CA VAL A 91 13.04 -0.85 37.38
C VAL A 91 14.03 -1.83 36.75
N ASN A 92 14.18 -3.00 37.36
CA ASN A 92 15.10 -4.02 36.88
C ASN A 92 14.76 -4.50 35.47
N THR A 93 13.47 -4.71 35.22
CA THR A 93 12.98 -5.15 33.92
C THR A 93 13.12 -4.07 32.85
N PHE A 94 12.73 -2.84 33.21
CA PHE A 94 12.75 -1.72 32.29
C PHE A 94 13.79 -0.67 32.69
N SER A 95 13.34 0.43 33.30
CA SER A 95 14.23 1.45 33.85
C SER A 95 13.49 2.34 34.84
N ALA A 96 14.15 3.38 35.32
CA ALA A 96 13.53 4.31 36.26
C ALA A 96 13.02 5.55 35.56
N ASN A 97 13.18 5.58 34.24
CA ASN A 97 12.78 6.72 33.43
C ASN A 97 11.28 6.89 33.23
N ALA A 98 10.79 8.11 33.46
CA ALA A 98 9.41 8.45 33.15
C ALA A 98 9.37 9.11 31.78
N LEU A 99 8.51 8.60 30.90
CA LEU A 99 8.36 9.19 29.58
C LEU A 99 7.61 10.52 29.71
N VAL A 100 8.23 11.59 29.23
CA VAL A 100 7.67 12.93 29.38
C VAL A 100 7.47 13.64 28.05
N GLY A 101 8.02 13.08 26.98
CA GLY A 101 7.87 13.66 25.66
C GLY A 101 8.39 12.83 24.49
N LEU A 102 7.86 13.10 23.31
CA LEU A 102 8.31 12.47 22.07
C LEU A 102 8.29 13.48 20.93
N SER A 103 9.41 13.60 20.21
CA SER A 103 9.53 14.57 19.12
C SER A 103 10.03 13.88 17.86
N SER A 104 9.41 14.16 16.71
CA SER A 104 9.86 13.58 15.45
C SER A 104 11.18 14.22 15.02
N CYS A 105 12.00 13.44 14.31
CA CYS A 105 13.31 13.93 13.90
C CYS A 105 13.50 13.91 12.39
N SER A 106 14.15 14.95 11.89
CA SER A 106 14.63 15.02 10.53
C SER A 106 16.10 14.60 10.55
N ALA A 107 16.85 14.92 9.51
CA ALA A 107 18.24 14.48 9.42
C ALA A 107 19.17 15.16 10.42
N THR A 108 19.02 16.47 10.57
CA THR A 108 19.95 17.26 11.36
C THR A 108 19.42 17.57 12.75
N GLN A 109 18.10 17.68 12.86
CA GLN A 109 17.48 18.14 14.09
C GLN A 109 16.20 17.38 14.43
N CYS A 110 15.65 17.68 15.61
CA CYS A 110 14.39 17.12 16.06
C CYS A 110 13.40 18.22 16.44
N PHE A 111 12.11 17.96 16.22
CA PHE A 111 11.08 18.95 16.51
C PHE A 111 10.62 18.88 17.98
N GLY A 112 11.51 19.30 18.87
CA GLY A 112 11.25 19.27 20.31
C GLY A 112 12.21 20.19 21.03
N PRO A 113 12.07 20.30 22.36
CA PRO A 113 12.96 21.17 23.13
C PRO A 113 14.40 20.69 23.11
N LYS A 114 15.32 21.62 23.39
CA LYS A 114 16.75 21.32 23.42
C LYS A 114 17.28 21.45 24.84
N GLU B 1 -15.93 32.98 19.04
CA GLU B 1 -14.65 32.59 18.45
C GLU B 1 -14.87 31.52 17.40
N TRP B 2 -14.24 31.69 16.25
CA TRP B 2 -14.34 30.70 15.18
C TRP B 2 -12.99 30.53 14.51
N THR B 3 -12.73 29.31 14.02
CA THR B 3 -11.56 29.01 13.20
C THR B 3 -11.40 30.07 12.11
N GLY B 4 -12.53 30.50 11.54
CA GLY B 4 -12.53 31.45 10.45
C GLY B 4 -12.56 32.92 10.84
N ASP B 5 -12.34 33.24 12.11
CA ASP B 5 -12.22 34.64 12.53
C ASP B 5 -11.08 35.28 11.75
N ASN B 6 -11.30 36.50 11.25
CA ASN B 6 -10.31 37.15 10.39
C ASN B 6 -9.02 37.53 11.11
N THR B 7 -9.07 37.65 12.43
CA THR B 7 -7.89 37.98 13.23
C THR B 7 -6.99 36.76 13.38
N ASN B 8 -7.48 35.61 12.96
CA ASN B 8 -6.67 34.41 12.90
C ASN B 8 -5.88 34.42 11.61
N ALA B 9 -4.87 33.57 11.52
CA ALA B 9 -4.08 33.46 10.31
C ALA B 9 -4.23 32.06 9.74
N TYR B 10 -4.16 31.93 8.42
CA TYR B 10 -4.21 30.62 7.81
C TYR B 10 -3.17 30.50 6.70
N TYR B 11 -2.76 29.27 6.45
CA TYR B 11 -1.79 28.97 5.41
C TYR B 11 -2.28 27.78 4.61
N SER B 12 -2.40 27.96 3.30
CA SER B 12 -2.93 26.93 2.43
C SER B 12 -1.81 26.05 1.87
N ASP B 13 -2.18 24.88 1.40
CA ASP B 13 -1.27 23.98 0.70
C ASP B 13 -0.02 23.64 1.50
N GLU B 14 -0.21 23.34 2.78
CA GLU B 14 0.89 22.99 3.66
C GLU B 14 0.90 21.50 3.90
N VAL B 15 2.06 20.99 4.32
CA VAL B 15 2.22 19.61 4.67
C VAL B 15 2.64 19.57 6.12
N ILE B 16 1.93 18.81 6.95
CA ILE B 16 2.35 18.65 8.34
C ILE B 16 3.61 17.80 8.32
N SER B 17 4.74 18.40 8.67
CA SER B 17 6.03 17.74 8.48
C SER B 17 6.66 17.17 9.75
N GLU B 18 6.32 17.75 10.90
CA GLU B 18 6.85 17.29 12.17
C GLU B 18 5.75 17.24 13.23
N LEU B 19 5.92 16.37 14.21
CA LEU B 19 4.94 16.21 15.29
C LEU B 19 5.61 15.99 16.64
N HIS B 20 5.12 16.70 17.66
CA HIS B 20 5.65 16.59 19.02
C HIS B 20 4.54 16.45 20.05
N VAL B 21 4.75 15.58 21.05
CA VAL B 21 3.79 15.42 22.14
C VAL B 21 4.53 15.47 23.47
N GLY B 22 4.00 16.27 24.40
CA GLY B 22 4.59 16.39 25.73
C GLY B 22 3.59 16.88 26.74
N GLN B 23 4.08 17.37 27.87
CA GLN B 23 3.21 17.90 28.92
C GLN B 23 3.76 19.20 29.49
N ILE B 24 2.87 20.15 29.75
CA ILE B 24 3.25 21.39 30.42
C ILE B 24 2.16 21.83 31.39
N ASP B 25 2.55 22.14 32.62
CA ASP B 25 1.63 22.58 33.66
C ASP B 25 0.43 21.64 33.82
N THR B 26 0.72 20.36 34.05
CA THR B 26 -0.28 19.30 34.24
C THR B 26 -1.12 19.02 32.99
N SER B 27 -0.78 19.68 31.89
CA SER B 27 -1.57 19.58 30.68
C SER B 27 -0.81 18.92 29.53
N PRO B 28 -1.37 17.84 28.99
CA PRO B 28 -0.83 17.23 27.77
C PRO B 28 -0.99 18.21 26.62
N TYR B 29 -0.01 18.25 25.72
CA TYR B 29 -0.08 19.15 24.58
C TYR B 29 0.59 18.51 23.38
N PHE B 30 0.31 19.04 22.20
CA PHE B 30 1.02 18.62 21.01
C PHE B 30 1.34 19.82 20.14
N CYS B 31 2.39 19.68 19.31
CA CYS B 31 2.79 20.71 18.36
C CYS B 31 3.01 20.10 16.98
N ILE B 32 2.72 20.88 15.94
CA ILE B 32 3.02 20.46 14.59
C ILE B 32 3.87 21.51 13.90
N LYS B 33 4.65 21.06 12.92
CA LYS B 33 5.42 21.95 12.07
C LYS B 33 4.93 21.69 10.66
N THR B 34 4.60 22.76 9.94
CA THR B 34 4.10 22.61 8.59
C THR B 34 4.95 23.39 7.62
N VAL B 35 5.08 22.87 6.39
CA VAL B 35 5.82 23.56 5.35
C VAL B 35 4.99 23.62 4.07
N LYS B 36 5.20 24.64 3.25
CA LYS B 36 4.53 24.71 1.96
C LYS B 36 4.90 23.48 1.12
N ALA B 37 3.89 22.88 0.50
CA ALA B 37 4.12 21.69 -0.30
C ALA B 37 5.03 21.99 -1.49
N ASN B 38 4.91 23.19 -2.05
CA ASN B 38 5.68 23.56 -3.24
C ASN B 38 7.09 24.04 -2.91
N GLY B 39 7.37 24.21 -1.61
CA GLY B 39 8.71 24.58 -1.18
C GLY B 39 8.88 26.05 -0.83
N SER B 40 7.81 26.82 -0.95
CA SER B 40 7.90 28.26 -0.73
C SER B 40 7.74 28.63 0.74
N GLY B 41 7.90 29.92 1.05
CA GLY B 41 7.68 30.43 2.40
C GLY B 41 8.58 29.86 3.48
N THR B 42 8.21 30.12 4.72
CA THR B 42 8.91 29.64 5.91
C THR B 42 7.97 28.71 6.67
N PRO B 43 8.51 27.63 7.28
CA PRO B 43 7.65 26.71 8.05
C PRO B 43 6.80 27.40 9.11
N VAL B 44 5.62 26.85 9.34
CA VAL B 44 4.70 27.36 10.35
C VAL B 44 4.65 26.38 11.52
N VAL B 45 4.73 26.89 12.74
CA VAL B 45 4.64 26.03 13.92
C VAL B 45 3.42 26.39 14.78
N ALA B 46 2.59 25.39 15.08
CA ALA B 46 1.42 25.60 15.93
C ALA B 46 1.32 24.52 17.01
N CYS B 47 0.68 24.88 18.11
CA CYS B 47 0.51 23.97 19.23
C CYS B 47 -0.92 24.00 19.78
N ALA B 48 -1.31 22.90 20.42
CA ALA B 48 -2.56 22.85 21.17
C ALA B 48 -2.28 22.30 22.56
N VAL B 49 -2.75 23.02 23.58
CA VAL B 49 -2.58 22.58 24.96
C VAL B 49 -3.96 22.22 25.50
N SER B 50 -4.07 21.03 26.05
CA SER B 50 -5.38 20.44 26.37
C SER B 50 -6.25 21.26 27.32
N LYS B 51 -5.67 21.77 28.41
CA LYS B 51 -6.46 22.45 29.43
C LYS B 51 -6.37 23.96 29.36
N GLN B 52 -5.78 24.48 28.28
CA GLN B 52 -5.52 25.91 28.18
C GLN B 52 -6.12 26.57 26.94
N SER B 53 -6.27 27.90 27.00
CA SER B 53 -6.86 28.69 25.91
C SER B 53 -8.34 28.38 25.66
N ILE B 54 -8.95 29.15 24.77
CA ILE B 54 -10.36 28.97 24.45
C ILE B 54 -10.56 27.78 23.52
N TRP B 55 -9.48 27.34 22.90
CA TRP B 55 -9.55 26.24 21.94
C TRP B 55 -9.38 24.88 22.61
N ALA B 56 -9.35 24.88 23.94
CA ALA B 56 -9.20 23.64 24.69
C ALA B 56 -10.19 22.52 24.33
N PRO B 57 -11.48 22.83 24.14
CA PRO B 57 -12.42 21.73 23.86
C PRO B 57 -12.13 20.96 22.57
N SER B 58 -11.32 21.51 21.68
CA SER B 58 -11.05 20.88 20.41
C SER B 58 -9.69 20.21 20.36
N PHE B 59 -9.06 20.04 21.52
CA PHE B 59 -7.73 19.46 21.59
C PHE B 59 -7.66 18.08 20.96
N LYS B 60 -8.55 17.19 21.40
CA LYS B 60 -8.56 15.82 20.89
C LYS B 60 -8.85 15.77 19.39
N GLU B 61 -9.86 16.52 18.97
CA GLU B 61 -10.25 16.55 17.58
C GLU B 61 -9.12 17.03 16.69
N LEU B 62 -8.41 18.06 17.15
CA LEU B 62 -7.28 18.61 16.41
C LEU B 62 -6.08 17.66 16.41
N LEU B 63 -5.87 16.97 17.53
CA LEU B 63 -4.77 16.03 17.63
C LEU B 63 -4.93 14.87 16.65
N ASP B 64 -6.13 14.29 16.63
CA ASP B 64 -6.44 13.20 15.72
C ASP B 64 -6.32 13.64 14.27
N GLN B 65 -6.78 14.85 13.98
CA GLN B 65 -6.77 15.31 12.60
C GLN B 65 -5.36 15.66 12.15
N ALA B 66 -4.56 16.20 13.06
CA ALA B 66 -3.16 16.50 12.79
C ALA B 66 -2.38 15.21 12.56
N ARG B 67 -2.62 14.21 13.41
CA ARG B 67 -1.98 12.91 13.25
C ARG B 67 -2.31 12.31 11.90
N TYR B 68 -3.57 12.46 11.49
CA TYR B 68 -4.03 11.89 10.24
C TYR B 68 -3.32 12.52 9.04
N PHE B 69 -3.35 13.85 8.97
CA PHE B 69 -2.73 14.58 7.88
C PHE B 69 -1.20 14.41 7.90
N TYR B 70 -0.65 14.19 9.09
CA TYR B 70 0.78 13.93 9.26
C TYR B 70 1.16 12.60 8.61
N SER B 71 0.30 11.60 8.75
CA SER B 71 0.56 10.30 8.16
C SER B 71 0.43 10.27 6.64
N THR B 72 -0.60 10.94 6.12
CA THR B 72 -0.85 10.92 4.68
C THR B 72 0.08 11.89 3.95
N GLY B 73 0.52 12.93 4.65
CA GLY B 73 1.39 13.93 4.06
C GLY B 73 0.65 14.74 3.03
N GLN B 74 -0.67 14.75 3.10
CA GLN B 74 -1.45 15.46 2.12
C GLN B 74 -1.45 16.98 2.36
N SER B 75 -1.66 17.73 1.29
CA SER B 75 -1.64 19.18 1.33
C SER B 75 -2.88 19.70 2.08
N VAL B 76 -2.65 20.52 3.11
CA VAL B 76 -3.75 21.03 3.92
C VAL B 76 -3.66 22.54 4.20
N ARG B 77 -4.76 23.12 4.64
CA ARG B 77 -4.75 24.49 5.14
C ARG B 77 -4.80 24.51 6.66
N ILE B 78 -3.83 25.20 7.26
CA ILE B 78 -3.74 25.29 8.71
C ILE B 78 -4.15 26.68 9.20
N HIS B 79 -5.07 26.71 10.16
CA HIS B 79 -5.57 27.96 10.73
C HIS B 79 -4.97 28.12 12.12
N VAL B 80 -4.41 29.29 12.41
CA VAL B 80 -3.82 29.51 13.71
C VAL B 80 -4.29 30.81 14.35
N GLN B 81 -4.21 30.88 15.67
CA GLN B 81 -4.39 32.14 16.38
C GLN B 81 -3.04 32.52 16.98
N LYS B 82 -2.57 33.71 16.66
CA LYS B 82 -1.25 34.14 17.09
C LYS B 82 -1.19 34.58 18.54
N ASN B 83 0.01 34.51 19.12
CA ASN B 83 0.29 35.03 20.45
C ASN B 83 -0.61 34.49 21.56
N ILE B 84 -0.65 33.17 21.71
CA ILE B 84 -1.48 32.55 22.73
C ILE B 84 -0.62 31.98 23.86
N TRP B 85 0.40 31.22 23.51
CA TRP B 85 1.30 30.63 24.50
C TRP B 85 2.32 31.66 24.97
N THR B 86 2.59 31.67 26.27
CA THR B 86 3.36 32.75 26.89
C THR B 86 4.72 32.35 27.50
N TYR B 87 4.86 31.09 27.90
CA TYR B 87 6.12 30.62 28.47
C TYR B 87 7.25 30.86 27.46
N PRO B 88 8.25 31.69 27.82
CA PRO B 88 9.31 32.02 26.87
C PRO B 88 10.05 30.82 26.28
N LEU B 89 10.42 29.83 27.10
CA LEU B 89 11.14 28.67 26.60
C LEU B 89 10.26 27.87 25.65
N PHE B 90 8.97 27.80 25.96
CA PHE B 90 8.02 27.10 25.12
C PHE B 90 7.89 27.79 23.77
N VAL B 91 7.75 29.11 23.80
CA VAL B 91 7.58 29.90 22.58
C VAL B 91 8.81 29.85 21.69
N ASN B 92 9.99 29.93 22.29
CA ASN B 92 11.24 29.86 21.55
C ASN B 92 11.40 28.52 20.84
N THR B 93 11.05 27.44 21.54
CA THR B 93 11.16 26.10 20.99
C THR B 93 10.18 25.86 19.84
N PHE B 94 8.94 26.26 20.06
CA PHE B 94 7.90 26.08 19.06
C PHE B 94 7.44 27.44 18.56
N SER B 95 6.28 27.88 19.04
CA SER B 95 5.80 29.23 18.75
C SER B 95 4.68 29.59 19.73
N ALA B 96 4.06 30.75 19.54
CA ALA B 96 2.96 31.17 20.40
C ALA B 96 1.63 30.87 19.74
N ASN B 97 1.69 30.28 18.55
CA ASN B 97 0.51 29.99 17.76
C ASN B 97 -0.28 28.83 18.34
N ALA B 98 -1.59 29.04 18.49
CA ALA B 98 -2.49 27.97 18.87
C ALA B 98 -3.10 27.39 17.58
N LEU B 99 -3.06 26.08 17.45
CA LEU B 99 -3.66 25.42 16.31
C LEU B 99 -5.17 25.55 16.47
N VAL B 100 -5.82 26.08 15.44
CA VAL B 100 -7.23 26.43 15.54
C VAL B 100 -8.09 25.70 14.50
N GLY B 101 -7.45 25.18 13.46
CA GLY B 101 -8.18 24.47 12.42
C GLY B 101 -7.29 23.75 11.42
N LEU B 102 -7.84 22.74 10.76
CA LEU B 102 -7.12 22.00 9.74
C LEU B 102 -8.09 21.64 8.61
N SER B 103 -7.73 21.98 7.37
CA SER B 103 -8.63 21.74 6.25
C SER B 103 -7.89 21.04 5.12
N SER B 104 -8.53 20.04 4.52
CA SER B 104 -7.96 19.34 3.37
C SER B 104 -8.03 20.24 2.14
N CYS B 105 -7.13 20.02 1.19
CA CYS B 105 -7.03 20.83 -0.02
C CYS B 105 -7.20 19.99 -1.28
N SER B 106 -7.84 20.56 -2.29
CA SER B 106 -7.79 19.97 -3.63
C SER B 106 -6.68 20.69 -4.37
N ALA B 107 -6.65 20.58 -5.69
CA ALA B 107 -5.58 21.20 -6.47
C ALA B 107 -5.68 22.72 -6.45
N THR B 108 -6.91 23.20 -6.52
CA THR B 108 -7.20 24.62 -6.70
C THR B 108 -7.59 25.38 -5.42
N GLN B 109 -8.26 24.71 -4.50
CA GLN B 109 -8.72 25.36 -3.28
C GLN B 109 -8.59 24.44 -2.08
N CYS B 110 -8.89 24.98 -0.91
CA CYS B 110 -8.91 24.21 0.33
C CYS B 110 -10.30 24.29 0.92
N PHE B 111 -10.74 23.22 1.56
CA PHE B 111 -12.08 23.13 2.12
C PHE B 111 -12.13 23.68 3.53
N GLY B 112 -12.04 25.00 3.65
CA GLY B 112 -12.10 25.63 4.96
C GLY B 112 -12.36 27.11 4.82
N PRO B 113 -12.51 27.80 5.96
CA PRO B 113 -12.66 29.25 6.00
C PRO B 113 -11.37 29.95 5.62
N LYS B 114 -11.46 31.25 5.28
CA LYS B 114 -10.28 32.08 5.09
C LYS B 114 -10.26 33.15 6.18
N GLU C 1 0.12 -7.33 42.56
CA GLU C 1 -0.68 -6.38 41.77
C GLU C 1 0.11 -5.70 40.66
N TRP C 2 0.95 -6.48 39.99
CA TRP C 2 1.72 -6.01 38.85
C TRP C 2 1.75 -7.09 37.77
N THR C 3 1.77 -6.65 36.51
CA THR C 3 1.93 -7.52 35.34
C THR C 3 3.10 -8.49 35.51
N GLY C 4 4.17 -8.01 36.13
CA GLY C 4 5.39 -8.80 36.28
C GLY C 4 5.47 -9.67 37.53
N ASP C 5 4.35 -9.83 38.23
CA ASP C 5 4.30 -10.75 39.37
C ASP C 5 4.60 -12.18 38.92
N ASN C 6 5.42 -12.88 39.70
CA ASN C 6 5.84 -14.25 39.36
C ASN C 6 4.69 -15.25 39.41
N THR C 7 3.60 -14.86 40.08
CA THR C 7 2.42 -15.70 40.20
C THR C 7 1.62 -15.71 38.90
N ASN C 8 1.95 -14.78 38.01
CA ASN C 8 1.37 -14.77 36.68
C ASN C 8 2.19 -15.66 35.75
N ALA C 9 1.61 -16.00 34.60
CA ALA C 9 2.30 -16.81 33.62
C ALA C 9 2.45 -16.05 32.31
N TYR C 10 3.50 -16.38 31.56
CA TYR C 10 3.70 -15.75 30.26
C TYR C 10 4.10 -16.77 29.20
N TYR C 11 3.85 -16.42 27.95
CA TYR C 11 4.21 -17.28 26.83
C TYR C 11 4.89 -16.40 25.79
N SER C 12 6.14 -16.73 25.48
CA SER C 12 6.95 -15.90 24.60
C SER C 12 6.82 -16.35 23.15
N ASP C 13 7.19 -15.45 22.23
CA ASP C 13 7.22 -15.74 20.81
C ASP C 13 5.86 -16.24 20.29
N GLU C 14 4.81 -15.54 20.70
CA GLU C 14 3.46 -15.87 20.28
C GLU C 14 2.94 -14.87 19.26
N VAL C 15 1.99 -15.30 18.44
CA VAL C 15 1.31 -14.40 17.49
C VAL C 15 -0.20 -14.45 17.74
N ILE C 16 -0.82 -13.28 17.89
CA ILE C 16 -2.26 -13.22 18.09
C ILE C 16 -3.00 -13.65 16.83
N SER C 17 -3.70 -14.79 16.92
CA SER C 17 -4.32 -15.41 15.75
C SER C 17 -5.84 -15.22 15.65
N GLU C 18 -6.50 -15.01 16.78
CA GLU C 18 -7.96 -14.84 16.78
C GLU C 18 -8.39 -13.69 17.70
N LEU C 19 -9.52 -13.06 17.36
CA LEU C 19 -10.04 -11.97 18.18
C LEU C 19 -11.57 -12.07 18.28
N HIS C 20 -12.08 -11.90 19.49
CA HIS C 20 -13.52 -11.96 19.75
C HIS C 20 -13.94 -10.80 20.64
N VAL C 21 -15.09 -10.22 20.36
CA VAL C 21 -15.62 -9.15 21.20
C VAL C 21 -17.08 -9.41 21.51
N GLY C 22 -17.45 -9.32 22.79
CA GLY C 22 -18.82 -9.54 23.20
C GLY C 22 -19.16 -8.89 24.53
N GLN C 23 -20.26 -9.35 25.13
CA GLN C 23 -20.70 -8.82 26.43
C GLN C 23 -21.17 -9.92 27.37
N ILE C 24 -20.79 -9.79 28.64
CA ILE C 24 -21.25 -10.69 29.69
C ILE C 24 -21.50 -9.93 30.99
N ASP C 25 -22.68 -10.15 31.57
CA ASP C 25 -23.09 -9.49 32.82
C ASP C 25 -22.93 -7.98 32.79
N THR C 26 -23.53 -7.35 31.78
CA THR C 26 -23.49 -5.89 31.55
C THR C 26 -22.09 -5.37 31.22
N SER C 27 -21.13 -6.28 31.06
CA SER C 27 -19.75 -5.87 30.86
C SER C 27 -19.21 -6.26 29.48
N PRO C 28 -18.74 -5.26 28.72
CA PRO C 28 -18.05 -5.54 27.45
C PRO C 28 -16.75 -6.28 27.71
N TYR C 29 -16.41 -7.24 26.85
CA TYR C 29 -15.19 -8.00 27.03
C TYR C 29 -14.60 -8.36 25.67
N PHE C 30 -13.33 -8.73 25.67
CA PHE C 30 -12.70 -9.27 24.47
C PHE C 30 -11.80 -10.43 24.82
N CYS C 31 -11.59 -11.31 23.85
CA CYS C 31 -10.70 -12.45 24.04
C CYS C 31 -9.76 -12.56 22.85
N ILE C 32 -8.55 -13.03 23.10
CA ILE C 32 -7.62 -13.29 22.02
C ILE C 32 -7.12 -14.73 22.09
N LYS C 33 -6.75 -15.27 20.92
CA LYS C 33 -6.12 -16.57 20.86
C LYS C 33 -4.75 -16.38 20.20
N THR C 34 -3.72 -16.88 20.87
CA THR C 34 -2.36 -16.76 20.35
C THR C 34 -1.71 -18.14 20.21
N VAL C 35 -0.85 -18.28 19.22
CA VAL C 35 -0.11 -19.52 19.00
C VAL C 35 1.38 -19.19 18.80
N LYS C 36 2.24 -20.16 19.08
CA LYS C 36 3.68 -19.99 18.83
C LYS C 36 3.90 -19.65 17.36
N ALA C 37 4.80 -18.70 17.11
CA ALA C 37 5.09 -18.22 15.77
C ALA C 37 5.63 -19.33 14.86
N ASN C 38 6.39 -20.25 15.44
CA ASN C 38 6.98 -21.36 14.69
C ASN C 38 6.05 -22.55 14.50
N GLY C 39 4.89 -22.51 15.16
CA GLY C 39 3.92 -23.58 15.01
C GLY C 39 3.93 -24.56 16.16
N SER C 40 4.74 -24.30 17.17
CA SER C 40 4.90 -25.23 18.28
C SER C 40 3.84 -25.03 19.36
N GLY C 41 3.85 -25.93 20.34
CA GLY C 41 3.00 -25.85 21.52
C GLY C 41 1.51 -25.89 21.24
N THR C 42 0.74 -25.56 22.28
CA THR C 42 -0.72 -25.51 22.20
C THR C 42 -1.14 -24.05 22.35
N PRO C 43 -2.19 -23.64 21.62
CA PRO C 43 -2.70 -22.25 21.66
C PRO C 43 -3.02 -21.75 23.06
N VAL C 44 -2.83 -20.44 23.25
CA VAL C 44 -3.15 -19.78 24.51
C VAL C 44 -4.37 -18.87 24.32
N VAL C 45 -5.33 -18.97 25.22
CA VAL C 45 -6.52 -18.12 25.17
C VAL C 45 -6.61 -17.25 26.42
N ALA C 46 -6.73 -15.95 26.22
CA ALA C 46 -6.88 -15.03 27.34
C ALA C 46 -8.01 -14.04 27.07
N CYS C 47 -8.61 -13.53 28.14
CA CYS C 47 -9.72 -12.58 28.02
C CYS C 47 -9.56 -11.40 28.96
N ALA C 48 -10.18 -10.28 28.61
CA ALA C 48 -10.25 -9.14 29.49
C ALA C 48 -11.70 -8.69 29.61
N VAL C 49 -12.18 -8.56 30.83
CA VAL C 49 -13.55 -8.13 31.07
C VAL C 49 -13.57 -6.75 31.72
N SER C 50 -14.36 -5.84 31.13
CA SER C 50 -14.31 -4.42 31.47
C SER C 50 -14.61 -4.07 32.93
N LYS C 51 -15.67 -4.65 33.48
CA LYS C 51 -16.12 -4.27 34.82
C LYS C 51 -15.69 -5.27 35.90
N GLN C 52 -14.81 -6.20 35.53
CA GLN C 52 -14.47 -7.31 36.42
C GLN C 52 -12.96 -7.48 36.65
N SER C 53 -12.64 -8.17 37.75
CA SER C 53 -11.27 -8.44 38.18
C SER C 53 -10.44 -7.21 38.55
N ILE C 54 -9.23 -7.47 39.04
CA ILE C 54 -8.33 -6.41 39.48
C ILE C 54 -7.68 -5.72 38.28
N TRP C 55 -7.72 -6.38 37.13
CA TRP C 55 -7.12 -5.86 35.91
C TRP C 55 -8.10 -5.02 35.12
N ALA C 56 -9.25 -4.73 35.73
CA ALA C 56 -10.28 -3.89 35.11
C ALA C 56 -9.79 -2.51 34.62
N PRO C 57 -8.96 -1.80 35.42
CA PRO C 57 -8.56 -0.45 34.95
C PRO C 57 -7.73 -0.42 33.66
N SER C 58 -7.17 -1.56 33.27
CA SER C 58 -6.31 -1.61 32.09
C SER C 58 -7.01 -2.21 30.88
N PHE C 59 -8.33 -2.32 30.97
CA PHE C 59 -9.13 -2.94 29.92
C PHE C 59 -8.97 -2.27 28.56
N LYS C 60 -9.15 -0.96 28.52
CA LYS C 60 -9.04 -0.23 27.26
C LYS C 60 -7.64 -0.32 26.64
N GLU C 61 -6.62 -0.10 27.47
CA GLU C 61 -5.25 -0.12 26.99
C GLU C 61 -4.84 -1.49 26.46
N LEU C 62 -5.27 -2.54 27.14
CA LEU C 62 -4.95 -3.90 26.71
C LEU C 62 -5.69 -4.25 25.41
N LEU C 63 -6.91 -3.75 25.26
CA LEU C 63 -7.69 -3.96 24.05
C LEU C 63 -7.04 -3.26 22.85
N ASP C 64 -6.65 -2.01 23.03
CA ASP C 64 -5.99 -1.25 21.97
C ASP C 64 -4.71 -1.95 21.56
N GLN C 65 -3.99 -2.47 22.55
CA GLN C 65 -2.71 -3.12 22.28
C GLN C 65 -2.89 -4.48 21.64
N ALA C 66 -3.93 -5.20 22.06
CA ALA C 66 -4.22 -6.50 21.48
C ALA C 66 -4.59 -6.32 20.02
N ARG C 67 -5.44 -5.33 19.74
CA ARG C 67 -5.84 -5.02 18.37
C ARG C 67 -4.62 -4.67 17.52
N TYR C 68 -3.70 -3.91 18.09
CA TYR C 68 -2.50 -3.50 17.37
C TYR C 68 -1.63 -4.69 16.98
N PHE C 69 -1.27 -5.53 17.95
CA PHE C 69 -0.43 -6.70 17.70
C PHE C 69 -1.13 -7.71 16.77
N TYR C 70 -2.46 -7.75 16.84
CA TYR C 70 -3.24 -8.62 15.98
C TYR C 70 -3.13 -8.16 14.52
N SER C 71 -3.14 -6.85 14.31
CA SER C 71 -3.04 -6.29 12.97
C SER C 71 -1.64 -6.46 12.37
N THR C 72 -0.61 -6.29 13.20
CA THR C 72 0.76 -6.38 12.71
C THR C 72 1.21 -7.84 12.55
N GLY C 73 0.65 -8.72 13.38
CA GLY C 73 0.99 -10.12 13.38
C GLY C 73 2.40 -10.39 13.88
N GLN C 74 2.95 -9.44 14.63
CA GLN C 74 4.32 -9.55 15.14
C GLN C 74 4.42 -10.47 16.37
N SER C 75 5.62 -10.96 16.62
CA SER C 75 5.89 -11.84 17.75
C SER C 75 5.76 -11.10 19.09
N VAL C 76 4.95 -11.66 19.99
CA VAL C 76 4.71 -11.01 21.28
C VAL C 76 4.78 -11.98 22.46
N ARG C 77 4.93 -11.42 23.66
CA ARG C 77 4.79 -12.18 24.90
C ARG C 77 3.46 -11.84 25.56
N ILE C 78 2.66 -12.87 25.83
CA ILE C 78 1.37 -12.66 26.45
C ILE C 78 1.39 -13.06 27.93
N HIS C 79 0.94 -12.15 28.80
CA HIS C 79 0.94 -12.39 30.24
C HIS C 79 -0.47 -12.62 30.78
N VAL C 80 -0.66 -13.73 31.50
CA VAL C 80 -1.96 -14.07 32.06
C VAL C 80 -1.91 -14.49 33.52
N GLN C 81 -3.04 -14.34 34.21
CA GLN C 81 -3.24 -14.97 35.51
C GLN C 81 -4.34 -16.02 35.38
N LYS C 82 -4.04 -17.26 35.76
CA LYS C 82 -4.97 -18.36 35.55
C LYS C 82 -6.10 -18.39 36.56
N ASN C 83 -7.19 -19.07 36.21
CA ASN C 83 -8.33 -19.28 37.09
C ASN C 83 -8.96 -17.98 37.59
N ILE C 84 -9.34 -17.10 36.68
CA ILE C 84 -9.95 -15.84 37.06
C ILE C 84 -11.44 -15.79 36.71
N TRP C 85 -11.78 -16.12 35.48
CA TRP C 85 -13.17 -16.15 35.03
C TRP C 85 -13.84 -17.45 35.48
N THR C 86 -15.10 -17.37 35.91
CA THR C 86 -15.74 -18.50 36.59
C THR C 86 -16.91 -19.17 35.86
N TYR C 87 -17.60 -18.44 34.99
CA TYR C 87 -18.73 -19.01 34.24
C TYR C 87 -18.25 -20.18 33.40
N PRO C 88 -18.79 -21.39 33.66
CA PRO C 88 -18.35 -22.61 32.97
C PRO C 88 -18.40 -22.52 31.43
N LEU C 89 -19.50 -22.01 30.89
CA LEU C 89 -19.64 -21.90 29.44
C LEU C 89 -18.64 -20.89 28.85
N PHE C 90 -18.40 -19.81 29.58
CA PHE C 90 -17.43 -18.79 29.16
C PHE C 90 -16.03 -19.40 29.14
N VAL C 91 -15.68 -20.12 30.19
CA VAL C 91 -14.36 -20.73 30.32
C VAL C 91 -14.16 -21.83 29.27
N ASN C 92 -15.20 -22.62 29.04
CA ASN C 92 -15.15 -23.69 28.05
C ASN C 92 -14.93 -23.16 26.64
N THR C 93 -15.63 -22.08 26.31
CA THR C 93 -15.50 -21.45 24.99
C THR C 93 -14.12 -20.82 24.84
N PHE C 94 -13.70 -20.11 25.88
CA PHE C 94 -12.41 -19.41 25.85
C PHE C 94 -11.45 -20.04 26.85
N SER C 95 -11.27 -19.38 27.99
CA SER C 95 -10.47 -19.93 29.09
C SER C 95 -10.75 -19.18 30.38
N ALA C 96 -9.99 -19.49 31.42
CA ALA C 96 -10.13 -18.81 32.70
C ALA C 96 -9.08 -17.72 32.83
N ASN C 97 -8.28 -17.55 31.79
CA ASN C 97 -7.17 -16.60 31.78
C ASN C 97 -7.57 -15.14 31.67
N ALA C 98 -7.01 -14.30 32.54
CA ALA C 98 -7.13 -12.85 32.43
C ALA C 98 -5.90 -12.29 31.74
N LEU C 99 -6.12 -11.48 30.71
CA LEU C 99 -5.02 -10.83 30.02
C LEU C 99 -4.48 -9.73 30.92
N VAL C 100 -3.19 -9.80 31.25
CA VAL C 100 -2.61 -8.83 32.18
C VAL C 100 -1.44 -8.05 31.57
N GLY C 101 -0.93 -8.52 30.43
CA GLY C 101 0.15 -7.82 29.76
C GLY C 101 0.49 -8.33 28.38
N LEU C 102 1.07 -7.46 27.55
CA LEU C 102 1.52 -7.81 26.22
C LEU C 102 2.81 -7.07 25.88
N SER C 103 3.83 -7.82 25.47
CA SER C 103 5.14 -7.24 25.18
C SER C 103 5.62 -7.69 23.81
N SER C 104 6.19 -6.76 23.04
CA SER C 104 6.75 -7.11 21.75
C SER C 104 8.02 -7.92 21.93
N CYS C 105 8.27 -8.84 20.99
CA CYS C 105 9.42 -9.72 21.07
C CYS C 105 10.34 -9.56 19.87
N SER C 106 11.65 -9.59 20.13
CA SER C 106 12.63 -9.66 19.06
C SER C 106 13.05 -11.11 18.86
N ALA C 107 14.17 -11.31 18.17
CA ALA C 107 14.63 -12.66 17.86
C ALA C 107 15.11 -13.40 19.09
N THR C 108 15.82 -12.72 19.97
CA THR C 108 16.46 -13.37 21.11
C THR C 108 15.68 -13.23 22.41
N GLN C 109 15.02 -12.08 22.58
CA GLN C 109 14.31 -11.80 23.83
C GLN C 109 13.00 -11.07 23.58
N CYS C 110 12.27 -10.85 24.66
CA CYS C 110 11.02 -10.10 24.61
C CYS C 110 11.11 -8.92 25.57
N PHE C 111 10.48 -7.81 25.21
CA PHE C 111 10.55 -6.59 26.01
C PHE C 111 9.52 -6.58 27.12
N GLY C 112 9.70 -7.45 28.10
CA GLY C 112 8.78 -7.54 29.22
C GLY C 112 9.34 -8.26 30.43
N PRO C 113 8.57 -8.28 31.52
CA PRO C 113 8.94 -8.95 32.78
C PRO C 113 9.00 -10.47 32.65
N LYS C 114 9.69 -11.11 33.59
CA LYS C 114 9.80 -12.56 33.62
C LYS C 114 9.07 -13.14 34.82
N GLU D 1 -36.71 11.53 16.75
CA GLU D 1 -36.04 11.89 15.51
C GLU D 1 -35.19 10.72 15.03
N TRP D 2 -35.07 10.59 13.72
CA TRP D 2 -34.23 9.55 13.15
C TRP D 2 -33.54 10.07 11.89
N THR D 3 -32.33 9.56 11.65
CA THR D 3 -31.57 9.82 10.42
C THR D 3 -32.44 9.64 9.17
N GLY D 4 -33.31 8.62 9.23
CA GLY D 4 -34.18 8.28 8.13
C GLY D 4 -35.56 8.93 8.11
N ASP D 5 -35.75 9.97 8.92
CA ASP D 5 -36.98 10.74 8.88
C ASP D 5 -37.16 11.32 7.48
N ASN D 6 -38.38 11.26 6.98
CA ASN D 6 -38.69 11.71 5.62
C ASN D 6 -38.48 13.21 5.45
N THR D 7 -38.41 13.93 6.58
CA THR D 7 -38.15 15.37 6.57
C THR D 7 -36.67 15.69 6.34
N ASN D 8 -35.81 14.68 6.47
CA ASN D 8 -34.40 14.84 6.10
C ASN D 8 -34.14 14.52 4.63
N ALA D 9 -32.99 14.95 4.15
CA ALA D 9 -32.61 14.70 2.77
C ALA D 9 -31.34 13.86 2.70
N TYR D 10 -31.23 13.08 1.64
CA TYR D 10 -30.06 12.24 1.43
C TYR D 10 -29.60 12.33 -0.02
N TYR D 11 -28.32 12.01 -0.23
CA TYR D 11 -27.73 12.00 -1.57
C TYR D 11 -26.92 10.73 -1.72
N SER D 12 -27.29 9.92 -2.72
CA SER D 12 -26.67 8.62 -2.88
C SER D 12 -25.48 8.63 -3.82
N ASP D 13 -24.65 7.60 -3.72
CA ASP D 13 -23.54 7.38 -4.63
C ASP D 13 -22.61 8.59 -4.66
N GLU D 14 -22.30 9.07 -3.45
CA GLU D 14 -21.43 10.21 -3.27
C GLU D 14 -20.07 9.73 -2.76
N VAL D 15 -19.04 10.54 -2.96
CA VAL D 15 -17.72 10.26 -2.43
C VAL D 15 -17.31 11.42 -1.56
N ILE D 16 -16.87 11.16 -0.34
CA ILE D 16 -16.39 12.25 0.50
C ILE D 16 -15.05 12.77 -0.03
N SER D 17 -15.03 13.99 -0.54
CA SER D 17 -13.85 14.50 -1.23
C SER D 17 -13.03 15.47 -0.36
N GLU D 18 -13.67 16.08 0.63
CA GLU D 18 -12.98 17.01 1.53
C GLU D 18 -13.42 16.84 2.99
N LEU D 19 -12.49 17.16 3.90
CA LEU D 19 -12.75 17.07 5.34
C LEU D 19 -12.11 18.26 6.06
N HIS D 20 -12.87 18.87 6.97
CA HIS D 20 -12.40 20.03 7.73
C HIS D 20 -12.74 19.85 9.20
N VAL D 21 -11.83 20.26 10.07
CA VAL D 21 -12.06 20.20 11.52
C VAL D 21 -11.70 21.53 12.16
N GLY D 22 -12.59 22.04 13.01
CA GLY D 22 -12.33 23.30 13.67
C GLY D 22 -13.13 23.47 14.95
N GLN D 23 -13.23 24.72 15.41
CA GLN D 23 -14.00 25.06 16.61
C GLN D 23 -14.79 26.35 16.42
N ILE D 24 -16.02 26.37 16.94
CA ILE D 24 -16.85 27.58 16.94
C ILE D 24 -17.68 27.67 18.23
N ASP D 25 -17.64 28.82 18.88
CA ASP D 25 -18.40 29.05 20.12
C ASP D 25 -18.20 27.95 21.17
N THR D 26 -16.92 27.72 21.53
CA THR D 26 -16.50 26.69 22.49
C THR D 26 -16.73 25.26 22.01
N SER D 27 -17.21 25.11 20.78
CA SER D 27 -17.58 23.79 20.30
C SER D 27 -16.74 23.30 19.12
N PRO D 28 -16.11 22.14 19.27
CA PRO D 28 -15.43 21.52 18.13
C PRO D 28 -16.47 21.14 17.08
N TYR D 29 -16.12 21.27 15.81
CA TYR D 29 -17.02 20.93 14.74
C TYR D 29 -16.23 20.38 13.58
N PHE D 30 -16.90 19.68 12.67
CA PHE D 30 -16.27 19.26 11.44
C PHE D 30 -17.24 19.39 10.27
N CYS D 31 -16.71 19.53 9.07
CA CYS D 31 -17.52 19.57 7.85
C CYS D 31 -16.96 18.64 6.79
N ILE D 32 -17.82 18.08 5.97
CA ILE D 32 -17.38 17.28 4.83
C ILE D 32 -17.98 17.84 3.55
N LYS D 33 -17.30 17.58 2.45
CA LYS D 33 -17.78 17.91 1.12
C LYS D 33 -17.86 16.61 0.32
N THR D 34 -19.00 16.36 -0.31
CA THR D 34 -19.16 15.16 -1.10
C THR D 34 -19.51 15.48 -2.55
N VAL D 35 -19.07 14.62 -3.46
CA VAL D 35 -19.42 14.74 -4.87
C VAL D 35 -19.88 13.38 -5.38
N LYS D 36 -20.72 13.36 -6.40
CA LYS D 36 -21.15 12.11 -7.01
C LYS D 36 -19.95 11.32 -7.50
N ALA D 37 -19.98 10.00 -7.30
CA ALA D 37 -18.87 9.14 -7.69
C ALA D 37 -18.64 9.20 -9.20
N ASN D 38 -19.71 9.40 -9.97
CA ASN D 38 -19.61 9.45 -11.43
C ASN D 38 -19.18 10.80 -11.99
N GLY D 39 -19.14 11.82 -11.13
CA GLY D 39 -18.66 13.13 -11.52
C GLY D 39 -19.75 14.15 -11.82
N SER D 40 -21.00 13.73 -11.72
CA SER D 40 -22.14 14.59 -12.07
C SER D 40 -22.61 15.42 -10.88
N GLY D 41 -23.59 16.28 -11.13
CA GLY D 41 -24.23 17.09 -10.10
C GLY D 41 -23.36 18.13 -9.42
N THR D 42 -23.90 18.66 -8.32
CA THR D 42 -23.22 19.69 -7.53
C THR D 42 -22.83 19.14 -6.16
N PRO D 43 -21.68 19.58 -5.65
CA PRO D 43 -21.18 19.15 -4.33
C PRO D 43 -22.19 19.36 -3.19
N VAL D 44 -22.14 18.45 -2.22
CA VAL D 44 -22.94 18.53 -1.02
C VAL D 44 -22.04 18.85 0.16
N VAL D 45 -22.41 19.85 0.95
CA VAL D 45 -21.63 20.20 2.14
C VAL D 45 -22.47 20.06 3.40
N ALA D 46 -21.97 19.28 4.36
CA ALA D 46 -22.66 19.14 5.64
C ALA D 46 -21.67 19.28 6.79
N CYS D 47 -22.18 19.67 7.95
CA CYS D 47 -21.34 19.90 9.12
C CYS D 47 -21.96 19.27 10.37
N ALA D 48 -21.11 18.94 11.34
CA ALA D 48 -21.59 18.50 12.64
C ALA D 48 -20.91 19.34 13.70
N VAL D 49 -21.70 19.92 14.60
CA VAL D 49 -21.17 20.75 15.68
C VAL D 49 -21.40 20.03 17.00
N SER D 50 -20.33 19.88 17.77
CA SER D 50 -20.32 19.02 18.95
C SER D 50 -21.36 19.34 20.02
N LYS D 51 -21.50 20.61 20.35
CA LYS D 51 -22.38 20.99 21.46
C LYS D 51 -23.73 21.53 20.99
N GLN D 52 -24.02 21.42 19.69
CA GLN D 52 -25.22 22.05 19.14
C GLN D 52 -26.14 21.11 18.37
N SER D 53 -27.40 21.53 18.23
CA SER D 53 -28.48 20.78 17.55
C SER D 53 -28.86 19.49 18.27
N ILE D 54 -29.89 18.84 17.75
CA ILE D 54 -30.38 17.59 18.34
C ILE D 54 -29.46 16.42 17.95
N TRP D 55 -28.63 16.64 16.93
CA TRP D 55 -27.74 15.59 16.44
C TRP D 55 -26.40 15.59 17.17
N ALA D 56 -26.28 16.41 18.20
CA ALA D 56 -25.06 16.52 19.00
C ALA D 56 -24.49 15.19 19.55
N PRO D 57 -25.35 14.29 20.07
CA PRO D 57 -24.81 13.05 20.63
C PRO D 57 -24.10 12.15 19.61
N SER D 58 -24.30 12.40 18.32
CA SER D 58 -23.68 11.56 17.30
C SER D 58 -22.48 12.21 16.66
N PHE D 59 -21.98 13.27 17.30
CA PHE D 59 -20.86 14.01 16.74
C PHE D 59 -19.62 13.15 16.54
N LYS D 60 -19.18 12.47 17.59
CA LYS D 60 -17.96 11.68 17.51
C LYS D 60 -18.08 10.53 16.51
N GLU D 61 -19.20 9.79 16.56
CA GLU D 61 -19.41 8.65 15.67
C GLU D 61 -19.42 9.06 14.20
N LEU D 62 -20.08 10.17 13.90
CA LEU D 62 -20.12 10.65 12.53
C LEU D 62 -18.76 11.16 12.07
N LEU D 63 -18.01 11.78 12.98
CA LEU D 63 -16.67 12.26 12.65
C LEU D 63 -15.75 11.11 12.33
N ASP D 64 -15.76 10.08 13.18
CA ASP D 64 -14.93 8.92 12.94
C ASP D 64 -15.34 8.23 11.64
N GLN D 65 -16.64 8.14 11.40
CA GLN D 65 -17.14 7.45 10.23
C GLN D 65 -16.89 8.25 8.96
N ALA D 66 -16.97 9.59 9.07
CA ALA D 66 -16.69 10.45 7.93
C ALA D 66 -15.22 10.33 7.52
N ARG D 67 -14.33 10.35 8.51
CA ARG D 67 -12.91 10.17 8.25
C ARG D 67 -12.64 8.86 7.55
N TYR D 68 -13.33 7.81 8.01
CA TYR D 68 -13.15 6.47 7.46
C TYR D 68 -13.54 6.42 5.99
N PHE D 69 -14.74 6.87 5.67
CA PHE D 69 -15.23 6.86 4.28
C PHE D 69 -14.41 7.81 3.42
N TYR D 70 -13.90 8.87 4.05
CA TYR D 70 -13.01 9.82 3.39
C TYR D 70 -11.69 9.15 3.01
N SER D 71 -11.21 8.28 3.90
CA SER D 71 -9.96 7.59 3.70
C SER D 71 -10.04 6.53 2.60
N THR D 72 -11.13 5.77 2.61
CA THR D 72 -11.33 4.69 1.66
C THR D 72 -11.81 5.20 0.31
N GLY D 73 -12.50 6.33 0.33
CA GLY D 73 -13.03 6.93 -0.88
C GLY D 73 -14.18 6.17 -1.50
N GLN D 74 -14.84 5.34 -0.70
CA GLN D 74 -15.92 4.50 -1.19
C GLN D 74 -17.22 5.27 -1.42
N SER D 75 -18.06 4.71 -2.26
CA SER D 75 -19.34 5.32 -2.58
C SER D 75 -20.24 5.26 -1.35
N VAL D 76 -20.78 6.41 -0.96
CA VAL D 76 -21.62 6.50 0.22
C VAL D 76 -22.91 7.30 -0.02
N ARG D 77 -23.87 7.11 0.85
CA ARG D 77 -25.06 7.97 0.92
C ARG D 77 -24.94 8.90 2.12
N ILE D 78 -25.08 10.20 1.88
CA ILE D 78 -24.99 11.18 2.95
C ILE D 78 -26.38 11.71 3.34
N HIS D 79 -26.67 11.65 4.64
CA HIS D 79 -27.96 12.08 5.16
C HIS D 79 -27.82 13.40 5.89
N VAL D 80 -28.64 14.38 5.52
CA VAL D 80 -28.55 15.69 6.15
C VAL D 80 -29.90 16.22 6.62
N GLN D 81 -29.85 17.16 7.55
CA GLN D 81 -31.00 17.98 7.86
C GLN D 81 -30.67 19.39 7.42
N LYS D 82 -31.51 19.96 6.57
CA LYS D 82 -31.25 21.27 5.99
C LYS D 82 -31.59 22.42 6.94
N ASN D 83 -30.98 23.56 6.70
CA ASN D 83 -31.24 24.81 7.42
C ASN D 83 -31.08 24.70 8.93
N ILE D 84 -29.91 24.27 9.39
CA ILE D 84 -29.64 24.15 10.82
C ILE D 84 -28.66 25.21 11.35
N TRP D 85 -27.50 25.35 10.70
CA TRP D 85 -26.50 26.32 11.14
C TRP D 85 -26.87 27.71 10.67
N THR D 86 -26.64 28.71 11.53
CA THR D 86 -27.18 30.05 11.30
C THR D 86 -26.17 31.17 11.07
N TYR D 87 -24.95 31.00 11.59
CA TYR D 87 -23.91 32.01 11.43
C TYR D 87 -23.64 32.22 9.95
N PRO D 88 -23.89 33.43 9.44
CA PRO D 88 -23.79 33.75 8.02
C PRO D 88 -22.43 33.40 7.39
N LEU D 89 -21.33 33.75 8.05
CA LEU D 89 -20.00 33.45 7.52
C LEU D 89 -19.73 31.94 7.52
N PHE D 90 -20.24 31.26 8.54
CA PHE D 90 -20.14 29.80 8.62
C PHE D 90 -20.90 29.16 7.45
N VAL D 91 -22.12 29.63 7.20
CA VAL D 91 -22.95 29.10 6.12
C VAL D 91 -22.35 29.41 4.74
N ASN D 92 -21.82 30.61 4.57
CA ASN D 92 -21.16 30.98 3.30
C ASN D 92 -20.00 30.04 3.02
N THR D 93 -19.21 29.76 4.05
CA THR D 93 -18.06 28.88 3.94
C THR D 93 -18.45 27.44 3.66
N PHE D 94 -19.42 26.94 4.43
CA PHE D 94 -19.87 25.57 4.28
C PHE D 94 -21.32 25.52 3.81
N SER D 95 -22.23 25.23 4.73
CA SER D 95 -23.65 25.28 4.45
C SER D 95 -24.42 25.29 5.75
N ALA D 96 -25.74 25.22 5.65
CA ALA D 96 -26.62 25.18 6.82
C ALA D 96 -26.99 23.74 7.12
N ASN D 97 -26.46 22.82 6.33
CA ASN D 97 -26.78 21.39 6.46
C ASN D 97 -26.15 20.74 7.67
N ALA D 98 -26.94 20.02 8.45
CA ALA D 98 -26.40 19.20 9.54
C ALA D 98 -26.25 17.75 9.07
N LEU D 99 -25.05 17.19 9.28
CA LEU D 99 -24.81 15.78 8.94
C LEU D 99 -25.52 14.89 9.95
N VAL D 100 -26.40 14.01 9.47
CA VAL D 100 -27.20 13.17 10.35
C VAL D 100 -27.01 11.68 10.09
N GLY D 101 -26.33 11.32 8.99
CA GLY D 101 -26.07 9.92 8.71
C GLY D 101 -25.10 9.68 7.57
N LEU D 102 -24.51 8.49 7.57
CA LEU D 102 -23.60 8.06 6.51
C LEU D 102 -23.81 6.58 6.24
N SER D 103 -24.02 6.22 4.97
CA SER D 103 -24.31 4.83 4.62
C SER D 103 -23.41 4.33 3.49
N SER D 104 -22.88 3.13 3.61
CA SER D 104 -22.08 2.60 2.51
C SER D 104 -23.01 2.20 1.38
N CYS D 105 -22.53 2.36 0.14
CA CYS D 105 -23.33 2.05 -1.03
C CYS D 105 -22.66 0.99 -1.87
N SER D 106 -23.45 0.07 -2.40
CA SER D 106 -22.94 -0.83 -3.41
C SER D 106 -23.33 -0.25 -4.76
N ALA D 107 -23.26 -1.07 -5.80
CA ALA D 107 -23.54 -0.61 -7.15
C ALA D 107 -25.01 -0.27 -7.32
N THR D 108 -25.86 -1.09 -6.71
CA THR D 108 -27.31 -1.00 -6.92
C THR D 108 -28.08 -0.26 -5.85
N GLN D 109 -27.64 -0.38 -4.60
CA GLN D 109 -28.35 0.22 -3.46
C GLN D 109 -27.41 0.74 -2.39
N CYS D 110 -27.98 1.39 -1.38
CA CYS D 110 -27.21 1.88 -0.24
C CYS D 110 -27.77 1.28 1.04
N PHE D 111 -26.88 1.05 2.01
CA PHE D 111 -27.26 0.42 3.27
C PHE D 111 -27.73 1.47 4.27
N GLY D 112 -28.88 2.06 3.96
CA GLY D 112 -29.45 3.11 4.78
C GLY D 112 -30.89 3.38 4.40
N PRO D 113 -31.54 4.27 5.16
CA PRO D 113 -32.94 4.66 4.92
C PRO D 113 -33.10 5.44 3.63
N LYS D 114 -34.32 5.46 3.10
CA LYS D 114 -34.65 6.23 1.91
C LYS D 114 -35.61 7.36 2.23
N GLU E 1 -26.80 -12.15 31.22
CA GLU E 1 -26.81 -12.13 29.76
C GLU E 1 -25.39 -12.28 29.23
N TRP E 2 -25.22 -13.13 28.22
CA TRP E 2 -23.93 -13.33 27.56
C TRP E 2 -24.13 -13.46 26.05
N THR E 3 -23.15 -12.98 25.29
CA THR E 3 -23.13 -13.14 23.84
C THR E 3 -23.43 -14.58 23.45
N GLY E 4 -22.89 -15.53 24.21
CA GLY E 4 -23.04 -16.94 23.89
C GLY E 4 -24.26 -17.63 24.47
N ASP E 5 -25.21 -16.86 24.99
CA ASP E 5 -26.47 -17.42 25.46
C ASP E 5 -27.18 -18.14 24.32
N ASN E 6 -27.73 -19.32 24.60
CA ASN E 6 -28.37 -20.13 23.57
C ASN E 6 -29.62 -19.49 22.98
N THR E 7 -30.18 -18.51 23.70
CA THR E 7 -31.34 -17.77 23.21
C THR E 7 -30.94 -16.74 22.14
N ASN E 8 -29.64 -16.50 22.01
CA ASN E 8 -29.13 -15.68 20.91
C ASN E 8 -28.90 -16.53 19.67
N ALA E 9 -28.75 -15.88 18.53
CA ALA E 9 -28.46 -16.57 17.28
C ALA E 9 -27.12 -16.10 16.72
N TYR E 10 -26.42 -16.97 16.01
CA TYR E 10 -25.16 -16.58 15.39
C TYR E 10 -25.05 -17.12 13.97
N TYR E 11 -24.22 -16.47 13.16
CA TYR E 11 -24.01 -16.87 11.78
C TYR E 11 -22.51 -16.88 11.48
N SER E 12 -22.00 -18.03 11.07
CA SER E 12 -20.56 -18.20 10.86
C SER E 12 -20.10 -17.91 9.43
N ASP E 13 -18.80 -17.66 9.30
CA ASP E 13 -18.16 -17.48 8.00
C ASP E 13 -18.80 -16.36 7.18
N GLU E 14 -19.03 -15.23 7.84
CA GLU E 14 -19.63 -14.08 7.20
C GLU E 14 -18.58 -13.00 6.93
N VAL E 15 -18.88 -12.15 5.96
CA VAL E 15 -18.02 -11.01 5.66
C VAL E 15 -18.84 -9.74 5.82
N ILE E 16 -18.35 -8.82 6.63
CA ILE E 16 -19.03 -7.54 6.81
C ILE E 16 -18.93 -6.73 5.53
N SER E 17 -20.07 -6.56 4.86
CA SER E 17 -20.13 -5.97 3.53
C SER E 17 -20.66 -4.54 3.51
N GLU E 18 -21.44 -4.16 4.53
CA GLU E 18 -21.97 -2.81 4.60
C GLU E 18 -21.86 -2.22 6.00
N LEU E 19 -21.79 -0.89 6.06
CA LEU E 19 -21.70 -0.18 7.34
C LEU E 19 -22.52 1.12 7.29
N HIS E 20 -23.31 1.36 8.34
CA HIS E 20 -24.13 2.57 8.42
C HIS E 20 -24.01 3.19 9.80
N VAL E 21 -23.95 4.52 9.86
CA VAL E 21 -23.92 5.23 11.14
C VAL E 21 -24.93 6.36 11.13
N GLY E 22 -25.76 6.44 12.17
CA GLY E 22 -26.76 7.48 12.27
C GLY E 22 -27.19 7.75 13.70
N GLN E 23 -28.34 8.39 13.86
CA GLN E 23 -28.90 8.69 15.18
C GLN E 23 -30.40 8.44 15.25
N ILE E 24 -30.86 7.88 16.35
CA ILE E 24 -32.28 7.72 16.58
C ILE E 24 -32.61 7.95 18.05
N ASP E 25 -33.59 8.81 18.32
CA ASP E 25 -34.01 9.14 19.68
C ASP E 25 -32.83 9.51 20.59
N THR E 26 -32.07 10.53 20.18
CA THR E 26 -30.91 11.05 20.91
C THR E 26 -29.73 10.09 21.04
N SER E 27 -29.84 8.93 20.41
CA SER E 27 -28.81 7.90 20.55
C SER E 27 -28.11 7.61 19.23
N PRO E 28 -26.77 7.75 19.20
CA PRO E 28 -26.00 7.31 18.04
C PRO E 28 -26.12 5.81 17.88
N TYR E 29 -26.16 5.34 16.65
CA TYR E 29 -26.28 3.90 16.40
C TYR E 29 -25.51 3.53 15.15
N PHE E 30 -25.23 2.24 15.00
CA PHE E 30 -24.66 1.75 13.76
C PHE E 30 -25.28 0.43 13.37
N CYS E 31 -25.27 0.14 12.07
CA CYS E 31 -25.77 -1.13 11.58
C CYS E 31 -24.76 -1.71 10.60
N ILE E 32 -24.69 -3.04 10.58
CA ILE E 32 -23.84 -3.71 9.61
C ILE E 32 -24.66 -4.73 8.83
N LYS E 33 -24.21 -5.02 7.61
CA LYS E 33 -24.77 -6.08 6.81
C LYS E 33 -23.64 -7.05 6.49
N THR E 34 -23.88 -8.33 6.74
CA THR E 34 -22.86 -9.34 6.45
C THR E 34 -23.42 -10.37 5.48
N VAL E 35 -22.54 -10.93 4.67
CA VAL E 35 -22.90 -11.96 3.72
C VAL E 35 -21.94 -13.14 3.88
N LYS E 36 -22.41 -14.34 3.54
CA LYS E 36 -21.54 -15.52 3.56
C LYS E 36 -20.37 -15.26 2.64
N ALA E 37 -19.18 -15.68 3.06
CA ALA E 37 -17.99 -15.46 2.27
C ALA E 37 -18.09 -16.17 0.91
N ASN E 38 -18.75 -17.33 0.89
CA ASN E 38 -18.92 -18.10 -0.33
C ASN E 38 -20.11 -17.70 -1.21
N GLY E 39 -20.98 -16.84 -0.69
CA GLY E 39 -22.12 -16.34 -1.45
C GLY E 39 -23.44 -17.02 -1.16
N SER E 40 -23.43 -17.98 -0.23
CA SER E 40 -24.63 -18.75 0.09
C SER E 40 -25.48 -18.05 1.15
N GLY E 41 -26.61 -18.67 1.49
CA GLY E 41 -27.46 -18.17 2.56
C GLY E 41 -28.08 -16.80 2.34
N THR E 42 -28.64 -16.24 3.41
CA THR E 42 -29.29 -14.94 3.37
C THR E 42 -28.45 -13.92 4.13
N PRO E 43 -28.32 -12.70 3.58
CA PRO E 43 -27.55 -11.65 4.26
C PRO E 43 -28.07 -11.43 5.67
N VAL E 44 -27.17 -11.08 6.58
CA VAL E 44 -27.54 -10.81 7.97
C VAL E 44 -27.41 -9.32 8.26
N VAL E 45 -28.44 -8.74 8.88
CA VAL E 45 -28.37 -7.34 9.28
C VAL E 45 -28.54 -7.23 10.79
N ALA E 46 -27.60 -6.56 11.43
CA ALA E 46 -27.67 -6.33 12.88
C ALA E 46 -27.37 -4.87 13.19
N CYS E 47 -27.90 -4.37 14.30
CA CYS E 47 -27.69 -3.00 14.70
C CYS E 47 -27.35 -2.92 16.19
N ALA E 48 -26.63 -1.86 16.56
CA ALA E 48 -26.37 -1.56 17.96
C ALA E 48 -26.74 -0.10 18.20
N VAL E 49 -27.55 0.12 19.24
CA VAL E 49 -27.97 1.46 19.60
C VAL E 49 -27.31 1.84 20.93
N SER E 50 -26.68 3.00 20.97
CA SER E 50 -25.79 3.38 22.08
C SER E 50 -26.41 3.34 23.47
N LYS E 51 -27.58 3.95 23.63
CA LYS E 51 -28.18 4.06 24.95
C LYS E 51 -29.34 3.09 25.18
N GLN E 52 -29.50 2.11 24.30
CA GLN E 52 -30.66 1.23 24.36
C GLN E 52 -30.29 -0.25 24.44
N SER E 53 -31.25 -1.05 24.90
CA SER E 53 -31.12 -2.51 25.12
C SER E 53 -30.11 -2.85 26.21
N ILE E 54 -30.02 -4.14 26.52
CA ILE E 54 -29.13 -4.62 27.57
C ILE E 54 -27.68 -4.65 27.09
N TRP E 55 -27.49 -4.61 25.77
CA TRP E 55 -26.16 -4.67 25.16
C TRP E 55 -25.57 -3.27 24.99
N ALA E 56 -26.22 -2.29 25.58
CA ALA E 56 -25.77 -0.90 25.53
C ALA E 56 -24.31 -0.67 25.95
N PRO E 57 -23.84 -1.32 27.04
CA PRO E 57 -22.47 -1.01 27.45
C PRO E 57 -21.39 -1.39 26.44
N SER E 58 -21.72 -2.22 25.46
CA SER E 58 -20.73 -2.67 24.49
C SER E 58 -20.82 -1.97 23.14
N PHE E 59 -21.53 -0.85 23.08
CA PHE E 59 -21.70 -0.14 21.82
C PHE E 59 -20.37 0.27 21.19
N LYS E 60 -19.52 0.93 21.96
CA LYS E 60 -18.23 1.39 21.46
C LYS E 60 -17.36 0.23 21.01
N GLU E 61 -17.27 -0.79 21.84
CA GLU E 61 -16.43 -1.94 21.54
C GLU E 61 -16.88 -2.68 20.27
N LEU E 62 -18.18 -2.85 20.11
CA LEU E 62 -18.73 -3.53 18.94
C LEU E 62 -18.57 -2.68 17.69
N LEU E 63 -18.69 -1.36 17.85
CA LEU E 63 -18.48 -0.45 16.74
C LEU E 63 -17.04 -0.50 16.25
N ASP E 64 -16.09 -0.40 17.18
CA ASP E 64 -14.68 -0.45 16.82
C ASP E 64 -14.32 -1.79 16.16
N GLN E 65 -14.87 -2.88 16.69
CA GLN E 65 -14.55 -4.20 16.16
C GLN E 65 -15.22 -4.45 14.81
N ALA E 66 -16.44 -3.94 14.64
CA ALA E 66 -17.13 -4.06 13.37
C ALA E 66 -16.38 -3.27 12.30
N ARG E 67 -15.92 -2.07 12.65
CA ARG E 67 -15.13 -1.26 11.74
C ARG E 67 -13.86 -2.01 11.34
N TYR E 68 -13.24 -2.67 12.31
CA TYR E 68 -12.01 -3.39 12.06
C TYR E 68 -12.21 -4.54 11.07
N PHE E 69 -13.19 -5.38 11.37
CA PHE E 69 -13.48 -6.54 10.53
C PHE E 69 -13.98 -6.12 9.14
N TYR E 70 -14.65 -4.97 9.09
CA TYR E 70 -15.12 -4.40 7.83
C TYR E 70 -13.94 -3.99 6.96
N SER E 71 -12.90 -3.43 7.58
CA SER E 71 -11.72 -3.00 6.85
C SER E 71 -10.92 -4.18 6.31
N THR E 72 -10.75 -5.23 7.11
CA THR E 72 -9.95 -6.37 6.67
C THR E 72 -10.73 -7.28 5.72
N GLY E 73 -12.05 -7.30 5.85
CA GLY E 73 -12.89 -8.15 5.02
C GLY E 73 -12.73 -9.62 5.36
N GLN E 74 -12.25 -9.91 6.56
CA GLN E 74 -12.02 -11.29 6.97
C GLN E 74 -13.33 -11.97 7.35
N SER E 75 -13.32 -13.29 7.23
CA SER E 75 -14.48 -14.11 7.53
C SER E 75 -14.74 -14.10 9.05
N VAL E 76 -15.95 -13.75 9.45
CA VAL E 76 -16.26 -13.65 10.88
C VAL E 76 -17.56 -14.33 11.26
N ARG E 77 -17.73 -14.57 12.56
CA ARG E 77 -19.02 -14.99 13.08
C ARG E 77 -19.71 -13.83 13.77
N ILE E 78 -20.93 -13.55 13.33
CA ILE E 78 -21.69 -12.45 13.92
C ILE E 78 -22.80 -12.99 14.84
N HIS E 79 -22.84 -12.48 16.06
CA HIS E 79 -23.77 -12.90 17.08
C HIS E 79 -24.86 -11.85 17.25
N VAL E 80 -26.13 -12.26 17.22
CA VAL E 80 -27.22 -11.30 17.36
C VAL E 80 -28.25 -11.78 18.38
N GLN E 81 -29.01 -10.83 18.90
CA GLN E 81 -30.22 -11.16 19.64
C GLN E 81 -31.39 -10.66 18.78
N LYS E 82 -32.30 -11.55 18.45
CA LYS E 82 -33.38 -11.22 17.54
C LYS E 82 -34.52 -10.44 18.21
N ASN E 83 -35.28 -9.73 17.40
CA ASN E 83 -36.50 -9.06 17.83
C ASN E 83 -36.30 -8.05 18.96
N ILE E 84 -35.36 -7.12 18.77
CA ILE E 84 -35.09 -6.11 19.82
C ILE E 84 -35.60 -4.73 19.43
N TRP E 85 -35.25 -4.29 18.22
CA TRP E 85 -35.69 -2.98 17.77
C TRP E 85 -37.14 -3.05 17.31
N THR E 86 -37.91 -2.02 17.67
CA THR E 86 -39.35 -2.08 17.50
C THR E 86 -39.90 -1.07 16.49
N TYR E 87 -39.19 0.04 16.29
CA TYR E 87 -39.63 1.05 15.33
C TYR E 87 -39.72 0.43 13.93
N PRO E 88 -40.93 0.41 13.36
CA PRO E 88 -41.20 -0.26 12.07
C PRO E 88 -40.30 0.21 10.94
N LEU E 89 -40.11 1.52 10.80
CA LEU E 89 -39.30 2.06 9.73
C LEU E 89 -37.82 1.69 9.89
N PHE E 90 -37.36 1.67 11.14
CA PHE E 90 -36.00 1.26 11.45
C PHE E 90 -35.80 -0.21 11.09
N VAL E 91 -36.75 -1.06 11.48
CA VAL E 91 -36.63 -2.50 11.24
C VAL E 91 -36.68 -2.88 9.77
N ASN E 92 -37.57 -2.25 9.00
CA ASN E 92 -37.66 -2.50 7.57
C ASN E 92 -36.39 -2.13 6.83
N THR E 93 -35.80 -1.01 7.22
CA THR E 93 -34.56 -0.53 6.62
C THR E 93 -33.41 -1.47 6.99
N PHE E 94 -33.33 -1.82 8.26
CA PHE E 94 -32.27 -2.70 8.73
C PHE E 94 -32.87 -4.01 9.19
N SER E 95 -32.98 -4.20 10.50
CA SER E 95 -33.69 -5.35 11.06
C SER E 95 -33.95 -5.10 12.54
N ALA E 96 -34.46 -6.10 13.23
CA ALA E 96 -34.72 -5.98 14.64
C ALA E 96 -33.58 -6.61 15.44
N ASN E 97 -32.56 -7.10 14.74
CA ASN E 97 -31.44 -7.78 15.40
C ASN E 97 -30.56 -6.81 16.16
N ALA E 98 -30.23 -7.16 17.39
CA ALA E 98 -29.23 -6.42 18.15
C ALA E 98 -27.89 -7.12 18.01
N LEU E 99 -26.85 -6.37 17.64
CA LEU E 99 -25.51 -6.94 17.55
C LEU E 99 -24.97 -7.19 18.95
N VAL E 100 -24.58 -8.44 19.23
CA VAL E 100 -24.15 -8.82 20.58
C VAL E 100 -22.74 -9.40 20.63
N GLY E 101 -22.18 -9.73 19.46
CA GLY E 101 -20.83 -10.25 19.41
C GLY E 101 -20.22 -10.38 18.02
N LEU E 102 -18.89 -10.39 17.97
CA LEU E 102 -18.14 -10.59 16.73
C LEU E 102 -16.92 -11.45 17.01
N SER E 103 -16.79 -12.51 16.22
CA SER E 103 -15.73 -13.48 16.41
C SER E 103 -15.00 -13.72 15.11
N SER E 104 -13.68 -13.75 15.17
CA SER E 104 -12.87 -14.06 14.00
C SER E 104 -13.01 -15.54 13.66
N CYS E 105 -12.92 -15.88 12.38
CA CYS E 105 -13.06 -17.26 11.96
C CYS E 105 -11.83 -17.75 11.20
N SER E 106 -11.43 -18.99 11.46
CA SER E 106 -10.43 -19.64 10.64
C SER E 106 -11.16 -20.50 9.62
N ALA E 107 -10.46 -21.44 9.01
CA ALA E 107 -11.07 -22.27 7.98
C ALA E 107 -12.12 -23.21 8.56
N THR E 108 -11.81 -23.78 9.71
CA THR E 108 -12.63 -24.84 10.30
C THR E 108 -13.59 -24.37 11.40
N GLN E 109 -13.18 -23.38 12.18
CA GLN E 109 -13.99 -22.92 13.31
C GLN E 109 -13.93 -21.40 13.48
N CYS E 110 -14.71 -20.89 14.43
CA CYS E 110 -14.70 -19.48 14.75
C CYS E 110 -14.36 -19.28 16.22
N PHE E 111 -13.68 -18.19 16.53
CA PHE E 111 -13.24 -17.96 17.90
C PHE E 111 -14.34 -17.28 18.71
N GLY E 112 -15.41 -18.00 18.95
CA GLY E 112 -16.53 -17.48 19.70
C GLY E 112 -17.43 -18.59 20.16
N PRO E 113 -18.45 -18.25 20.95
CA PRO E 113 -19.41 -19.24 21.43
C PRO E 113 -20.31 -19.77 20.31
N LYS E 114 -20.87 -20.95 20.53
CA LYS E 114 -21.82 -21.53 19.59
C LYS E 114 -23.20 -21.65 20.22
N ASN F 1 11.88 -2.76 -23.74
CA ASN F 1 13.21 -3.37 -23.74
C ASN F 1 13.15 -4.89 -23.84
N ILE F 2 14.26 -5.50 -24.26
CA ILE F 2 14.33 -6.94 -24.44
C ILE F 2 14.09 -7.71 -23.12
N SER F 3 14.59 -7.15 -22.02
CA SER F 3 14.50 -7.81 -20.73
C SER F 3 13.07 -7.83 -20.16
N ASP F 4 12.17 -7.03 -20.73
CA ASP F 4 10.78 -6.96 -20.26
C ASP F 4 9.97 -8.21 -20.65
N TYR F 5 10.51 -8.98 -21.59
CA TYR F 5 9.81 -10.15 -22.12
C TYR F 5 10.54 -11.42 -21.69
N LYS F 6 9.80 -12.53 -21.61
CA LYS F 6 10.44 -13.82 -21.51
C LYS F 6 10.59 -14.35 -22.92
N VAL F 7 11.84 -14.41 -23.38
CA VAL F 7 12.14 -14.81 -24.74
C VAL F 7 12.70 -16.23 -24.74
N MET F 8 12.52 -16.94 -25.84
CA MET F 8 12.98 -18.32 -25.95
C MET F 8 13.10 -18.74 -27.42
N THR F 9 14.10 -19.55 -27.72
CA THR F 9 14.24 -20.13 -29.05
C THR F 9 14.16 -21.65 -28.94
N TRP F 10 13.59 -22.29 -29.96
CA TRP F 10 13.56 -23.75 -30.00
C TRP F 10 13.51 -24.27 -31.44
N ASN F 11 14.38 -25.22 -31.74
CA ASN F 11 14.35 -25.92 -33.02
C ASN F 11 13.53 -27.20 -32.90
N LEU F 12 12.30 -27.16 -33.42
CA LEU F 12 11.36 -28.28 -33.37
C LEU F 12 11.89 -29.58 -33.96
N GLN F 13 12.73 -29.46 -34.99
CA GLN F 13 13.08 -30.59 -35.84
C GLN F 13 11.80 -31.26 -36.32
N GLY F 14 11.00 -30.50 -37.06
CA GLY F 14 9.65 -30.90 -37.41
C GLY F 14 9.54 -31.94 -38.52
N SER F 15 8.47 -32.72 -38.42
CA SER F 15 8.11 -33.72 -39.42
C SER F 15 6.60 -33.78 -39.52
N SER F 16 6.08 -34.42 -40.57
CA SER F 16 4.65 -34.52 -40.78
C SER F 16 3.92 -35.26 -39.65
N ALA F 17 4.66 -36.06 -38.89
CA ALA F 17 4.08 -36.89 -37.84
C ALA F 17 4.24 -36.30 -36.43
N SER F 18 5.31 -35.53 -36.22
CA SER F 18 5.66 -35.10 -34.87
C SER F 18 5.29 -33.65 -34.59
N THR F 19 5.18 -32.84 -35.65
CA THR F 19 5.02 -31.39 -35.51
C THR F 19 3.80 -30.97 -34.68
N GLU F 20 2.65 -31.55 -34.99
CA GLU F 20 1.43 -31.20 -34.28
C GLU F 20 1.55 -31.52 -32.80
N SER F 21 2.07 -32.72 -32.50
CA SER F 21 2.35 -33.13 -31.13
C SER F 21 3.29 -32.15 -30.42
N LYS F 22 4.28 -31.66 -31.16
CA LYS F 22 5.26 -30.73 -30.60
C LYS F 22 4.64 -29.37 -30.28
N TRP F 23 3.72 -28.92 -31.12
CA TRP F 23 2.99 -27.68 -30.86
C TRP F 23 2.08 -27.86 -29.66
N ASN F 24 1.26 -28.90 -29.71
CA ASN F 24 0.16 -29.08 -28.77
C ASN F 24 0.61 -29.48 -27.37
N VAL F 25 1.77 -30.13 -27.27
CA VAL F 25 2.27 -30.58 -25.97
C VAL F 25 3.45 -29.77 -25.47
N ASN F 26 4.52 -29.71 -26.25
CA ASN F 26 5.71 -28.99 -25.83
C ASN F 26 5.57 -27.47 -25.90
N VAL F 27 5.16 -26.95 -27.05
CA VAL F 27 5.07 -25.51 -27.24
C VAL F 27 3.99 -24.90 -26.33
N ARG F 28 2.89 -25.63 -26.17
CA ARG F 28 1.82 -25.21 -25.28
C ARG F 28 2.31 -24.97 -23.85
N GLN F 29 3.05 -25.93 -23.29
CA GLN F 29 3.53 -25.83 -21.92
C GLN F 29 4.59 -24.75 -21.72
N LEU F 30 5.39 -24.49 -22.74
CA LEU F 30 6.38 -23.41 -22.66
C LEU F 30 5.68 -22.06 -22.60
N LEU F 31 4.53 -21.97 -23.27
CA LEU F 31 3.84 -20.68 -23.43
C LEU F 31 2.74 -20.43 -22.39
N SER F 32 2.09 -21.50 -21.93
CA SER F 32 0.90 -21.38 -21.09
C SER F 32 1.06 -20.54 -19.84
N GLY F 33 -0.02 -19.89 -19.43
CA GLY F 33 -0.05 -19.09 -18.22
C GLY F 33 0.54 -17.71 -18.39
N THR F 34 0.35 -16.86 -17.39
CA THR F 34 0.90 -15.51 -17.45
C THR F 34 2.42 -15.53 -17.29
N ALA F 35 2.93 -16.56 -16.63
CA ALA F 35 4.37 -16.74 -16.46
C ALA F 35 5.01 -17.43 -17.66
N GLY F 36 4.18 -17.82 -18.63
CA GLY F 36 4.66 -18.50 -19.82
C GLY F 36 5.50 -17.59 -20.69
N VAL F 37 6.27 -18.20 -21.58
CA VAL F 37 7.13 -17.46 -22.50
C VAL F 37 6.30 -16.49 -23.35
N ASP F 38 6.77 -15.25 -23.47
CA ASP F 38 6.05 -14.23 -24.23
C ASP F 38 6.41 -14.25 -25.70
N ILE F 39 7.70 -14.38 -25.99
CA ILE F 39 8.18 -14.45 -27.37
C ILE F 39 8.93 -15.75 -27.62
N LEU F 40 8.42 -16.56 -28.54
CA LEU F 40 9.06 -17.84 -28.86
C LEU F 40 9.53 -17.90 -30.31
N MET F 41 10.83 -18.05 -30.50
CA MET F 41 11.39 -18.25 -31.83
C MET F 41 11.44 -19.74 -32.14
N VAL F 42 10.93 -20.12 -33.30
CA VAL F 42 10.81 -21.53 -33.67
C VAL F 42 11.41 -21.82 -35.03
N GLN F 43 12.20 -22.90 -35.11
CA GLN F 43 12.80 -23.32 -36.37
C GLN F 43 12.32 -24.72 -36.75
N GLU F 44 12.44 -25.03 -38.04
CA GLU F 44 11.97 -26.28 -38.61
C GLU F 44 10.50 -26.54 -38.32
N ALA F 45 9.70 -25.49 -38.40
CA ALA F 45 8.25 -25.61 -38.23
C ALA F 45 7.56 -25.44 -39.58
N GLY F 46 7.42 -26.55 -40.31
CA GLY F 46 6.78 -26.52 -41.60
C GLY F 46 5.28 -26.29 -41.51
N ALA F 47 4.76 -26.37 -40.30
CA ALA F 47 3.33 -26.19 -40.07
C ALA F 47 3.06 -25.51 -38.74
N VAL F 48 1.97 -24.74 -38.69
CA VAL F 48 1.47 -24.14 -37.45
C VAL F 48 0.55 -25.15 -36.76
N PRO F 49 0.13 -24.87 -35.51
CA PRO F 49 -0.85 -25.77 -34.89
C PRO F 49 -2.15 -25.86 -35.69
N THR F 50 -2.75 -27.05 -35.72
CA THR F 50 -3.98 -27.29 -36.47
C THR F 50 -5.16 -26.48 -35.92
N SER F 51 -5.07 -26.10 -34.65
CA SER F 51 -6.14 -25.33 -34.00
C SER F 51 -5.94 -23.82 -34.14
N ALA F 52 -4.89 -23.41 -34.85
CA ALA F 52 -4.62 -22.00 -35.08
C ALA F 52 -5.48 -21.47 -36.23
N VAL F 53 -5.88 -20.20 -36.13
CA VAL F 53 -6.82 -19.60 -37.08
C VAL F 53 -6.20 -18.42 -37.85
N PRO F 54 -6.32 -18.44 -39.18
CA PRO F 54 -5.85 -17.32 -40.03
C PRO F 54 -6.54 -16.01 -39.67
N THR F 55 -5.76 -14.93 -39.54
CA THR F 55 -6.31 -13.62 -39.23
C THR F 55 -6.68 -12.86 -40.49
N GLY F 56 -6.14 -13.29 -41.62
CA GLY F 56 -6.39 -12.63 -42.89
C GLY F 56 -5.73 -11.28 -42.98
N ARG F 57 -4.70 -11.06 -42.17
CA ARG F 57 -3.95 -9.81 -42.20
C ARG F 57 -2.84 -9.87 -43.26
N HIS F 58 -2.91 -8.95 -44.22
CA HIS F 58 -1.91 -8.88 -45.28
C HIS F 58 -0.65 -8.17 -44.78
N ILE F 59 0.45 -8.93 -44.68
CA ILE F 59 1.67 -8.40 -44.11
C ILE F 59 2.62 -7.84 -45.17
N GLN F 60 2.96 -6.56 -45.04
CA GLN F 60 4.05 -5.99 -45.82
C GLN F 60 5.23 -5.75 -44.89
N PRO F 61 6.22 -6.65 -44.95
CA PRO F 61 7.36 -6.60 -44.04
C PRO F 61 8.37 -5.52 -44.42
N PHE F 62 9.22 -5.15 -43.46
CA PHE F 62 10.35 -4.29 -43.71
C PHE F 62 11.50 -5.16 -44.16
N GLY F 63 12.27 -4.68 -45.13
CA GLY F 63 13.37 -5.45 -45.68
C GLY F 63 13.03 -5.93 -47.07
N VAL F 64 12.68 -7.21 -47.18
CA VAL F 64 12.20 -7.77 -48.43
C VAL F 64 10.82 -8.40 -48.26
N GLY F 65 10.24 -8.83 -49.37
CA GLY F 65 8.87 -9.31 -49.35
C GLY F 65 8.71 -10.78 -49.64
N ILE F 66 8.50 -11.57 -48.58
CA ILE F 66 8.01 -12.93 -48.72
C ILE F 66 6.72 -13.03 -47.92
N PRO F 67 5.83 -13.96 -48.29
CA PRO F 67 4.53 -14.01 -47.62
C PRO F 67 4.65 -14.53 -46.20
N ILE F 68 4.29 -13.72 -45.23
CA ILE F 68 4.28 -14.13 -43.83
C ILE F 68 2.83 -14.28 -43.37
N ASP F 69 2.51 -15.45 -42.84
CA ASP F 69 1.15 -15.73 -42.38
C ASP F 69 1.00 -15.45 -40.89
N GLU F 70 -0.06 -14.72 -40.54
CA GLU F 70 -0.39 -14.42 -39.15
C GLU F 70 -1.53 -15.32 -38.67
N TYR F 71 -1.35 -15.91 -37.49
CA TYR F 71 -2.34 -16.78 -36.90
C TYR F 71 -2.64 -16.36 -35.47
N THR F 72 -3.84 -16.68 -35.02
CA THR F 72 -4.18 -16.63 -33.61
C THR F 72 -4.27 -18.07 -33.12
N TRP F 73 -3.86 -18.30 -31.88
CA TRP F 73 -3.80 -19.65 -31.33
C TRP F 73 -4.20 -19.58 -29.86
N ASN F 74 -5.41 -20.01 -29.55
CA ASN F 74 -5.93 -19.91 -28.19
C ASN F 74 -5.36 -21.00 -27.28
N LEU F 75 -4.56 -20.60 -26.30
CA LEU F 75 -3.98 -21.53 -25.34
C LEU F 75 -4.90 -21.77 -24.15
N GLY F 76 -6.01 -21.08 -24.11
CA GLY F 76 -6.98 -21.26 -23.05
C GLY F 76 -8.15 -22.10 -23.51
N THR F 77 -9.30 -21.89 -22.88
CA THR F 77 -10.51 -22.63 -23.21
C THR F 77 -11.56 -21.70 -23.81
N THR F 78 -12.78 -22.19 -23.93
CA THR F 78 -13.87 -21.39 -24.48
C THR F 78 -14.32 -20.30 -23.50
N SER F 79 -14.47 -20.66 -22.23
CA SER F 79 -14.94 -19.72 -21.21
C SER F 79 -13.81 -18.84 -20.66
N ARG F 80 -12.60 -19.05 -21.18
CA ARG F 80 -11.42 -18.34 -20.70
C ARG F 80 -10.33 -18.38 -21.76
N GLN F 81 -10.29 -17.37 -22.61
CA GLN F 81 -9.38 -17.37 -23.76
C GLN F 81 -8.05 -16.67 -23.50
N ASP F 82 -6.97 -17.35 -23.87
CA ASP F 82 -5.63 -16.79 -23.84
C ASP F 82 -5.08 -16.83 -25.26
N ILE F 83 -5.32 -15.77 -26.02
CA ILE F 83 -4.96 -15.72 -27.43
C ILE F 83 -3.51 -15.29 -27.66
N ARG F 84 -2.76 -16.14 -28.36
CA ARG F 84 -1.41 -15.78 -28.75
C ARG F 84 -1.35 -15.58 -30.25
N TYR F 85 -0.32 -14.86 -30.71
CA TYR F 85 -0.14 -14.60 -32.13
C TYR F 85 1.03 -15.40 -32.69
N ILE F 86 0.82 -15.99 -33.86
CA ILE F 86 1.88 -16.74 -34.52
C ILE F 86 2.21 -16.12 -35.86
N TYR F 87 3.50 -15.87 -36.09
CA TYR F 87 3.95 -15.39 -37.39
C TYR F 87 4.81 -16.43 -38.08
N HIS F 88 4.30 -16.95 -39.20
CA HIS F 88 4.87 -18.12 -39.85
C HIS F 88 5.37 -17.83 -41.26
N SER F 89 6.58 -18.29 -41.55
CA SER F 89 7.13 -18.26 -42.90
C SER F 89 7.42 -19.70 -43.34
N ALA F 90 6.84 -20.11 -44.46
CA ALA F 90 7.01 -21.48 -44.93
C ALA F 90 7.75 -21.56 -46.26
N ILE F 91 7.13 -21.03 -47.32
CA ILE F 91 7.72 -21.07 -48.65
C ILE F 91 8.49 -19.79 -48.97
N ASP F 92 9.72 -19.95 -49.45
CA ASP F 92 10.61 -18.82 -49.73
C ASP F 92 10.53 -18.39 -51.19
N VAL F 93 11.49 -18.84 -51.99
CA VAL F 93 11.46 -18.65 -53.43
C VAL F 93 11.16 -20.03 -54.01
N GLY F 94 11.59 -20.29 -55.24
CA GLY F 94 11.39 -21.60 -55.86
C GLY F 94 12.03 -22.74 -55.09
N ALA F 95 12.99 -22.39 -54.23
CA ALA F 95 13.63 -23.37 -53.35
C ALA F 95 12.74 -23.67 -52.14
N ARG F 96 11.99 -22.67 -51.70
CA ARG F 96 11.02 -22.83 -50.62
C ARG F 96 11.65 -23.30 -49.31
N ARG F 97 10.81 -23.79 -48.40
CA ARG F 97 11.26 -24.31 -47.11
C ARG F 97 12.03 -23.28 -46.28
N VAL F 98 11.29 -22.38 -45.64
CA VAL F 98 11.85 -21.49 -44.64
C VAL F 98 11.62 -22.12 -43.27
N ASN F 99 10.36 -22.44 -42.98
CA ASN F 99 9.96 -23.13 -41.76
C ASN F 99 10.35 -22.41 -40.47
N LEU F 100 10.29 -21.09 -40.50
CA LEU F 100 10.52 -20.26 -39.32
C LEU F 100 9.20 -19.76 -38.76
N ALA F 101 9.15 -19.59 -37.45
CA ALA F 101 7.95 -19.09 -36.79
C ALA F 101 8.29 -18.28 -35.54
N ILE F 102 7.51 -17.25 -35.27
CA ILE F 102 7.64 -16.51 -34.02
C ILE F 102 6.28 -16.41 -33.35
N VAL F 103 6.20 -16.89 -32.11
CA VAL F 103 4.95 -16.81 -31.35
C VAL F 103 5.04 -15.66 -30.35
N SER F 104 3.97 -14.87 -30.28
CA SER F 104 3.96 -13.67 -29.47
C SER F 104 2.71 -13.58 -28.61
N ARG F 105 2.85 -12.96 -27.43
CA ARG F 105 1.72 -12.79 -26.52
C ARG F 105 0.83 -11.65 -27.02
N GLN F 106 1.35 -10.85 -27.94
CA GLN F 106 0.57 -9.76 -28.52
C GLN F 106 0.81 -9.55 -30.03
N ARG F 107 -0.10 -8.81 -30.66
CA ARG F 107 -0.06 -8.60 -32.09
C ARG F 107 1.10 -7.68 -32.50
N ALA F 108 1.84 -8.10 -33.52
CA ALA F 108 2.96 -7.31 -34.02
C ALA F 108 2.49 -6.01 -34.66
N ASP F 109 3.18 -4.92 -34.33
CA ASP F 109 2.98 -3.65 -35.00
C ASP F 109 3.60 -3.72 -36.38
N ASN F 110 4.78 -4.33 -36.46
CA ASN F 110 5.49 -4.46 -37.71
C ASN F 110 6.10 -5.84 -37.84
N VAL F 111 6.35 -6.24 -39.09
CA VAL F 111 7.04 -7.50 -39.36
C VAL F 111 8.28 -7.21 -40.19
N TYR F 112 9.35 -7.98 -39.94
CA TYR F 112 10.60 -7.82 -40.69
C TYR F 112 10.96 -9.10 -41.41
N VAL F 113 11.45 -8.96 -42.64
CA VAL F 113 12.08 -10.05 -43.36
C VAL F 113 13.36 -9.54 -44.02
N LEU F 114 14.49 -10.12 -43.65
CA LEU F 114 15.79 -9.68 -44.17
C LEU F 114 16.49 -10.83 -44.86
N ARG F 115 17.08 -10.56 -46.02
CA ARG F 115 17.75 -11.60 -46.77
C ARG F 115 19.27 -11.40 -46.79
N PRO F 116 20.00 -12.28 -46.07
CA PRO F 116 21.47 -12.23 -46.04
C PRO F 116 22.06 -12.39 -47.44
N THR F 117 23.29 -11.92 -47.61
CA THR F 117 23.91 -11.92 -48.94
C THR F 117 24.27 -13.32 -49.44
N THR F 118 24.36 -14.27 -48.53
CA THR F 118 24.55 -15.67 -48.90
C THR F 118 23.24 -16.22 -49.49
N VAL F 119 23.20 -16.37 -50.81
CA VAL F 119 21.94 -16.67 -51.50
C VAL F 119 21.37 -18.05 -51.18
N ALA F 120 22.18 -18.91 -50.55
CA ALA F 120 21.72 -20.23 -50.16
C ALA F 120 20.94 -20.20 -48.86
N SER F 121 20.89 -19.03 -48.23
CA SER F 121 20.31 -18.91 -46.89
C SER F 121 18.79 -18.83 -46.89
N ARG F 122 18.22 -19.24 -45.76
CA ARG F 122 16.84 -18.95 -45.43
C ARG F 122 16.80 -17.51 -44.93
N PRO F 123 15.68 -16.82 -45.17
CA PRO F 123 15.57 -15.42 -44.74
C PRO F 123 15.53 -15.32 -43.22
N VAL F 124 15.68 -14.10 -42.71
CA VAL F 124 15.57 -13.81 -41.30
C VAL F 124 14.22 -13.13 -41.10
N ILE F 125 13.44 -13.60 -40.13
CA ILE F 125 12.11 -13.01 -39.91
C ILE F 125 11.96 -12.45 -38.50
N GLY F 126 11.18 -11.38 -38.38
CA GLY F 126 11.01 -10.73 -37.10
C GLY F 126 9.70 -9.98 -36.94
N ILE F 127 9.38 -9.66 -35.69
CA ILE F 127 8.20 -8.86 -35.40
C ILE F 127 8.59 -7.69 -34.51
N GLY F 128 7.86 -6.59 -34.64
CA GLY F 128 8.12 -5.42 -33.82
C GLY F 128 7.01 -5.15 -32.83
N LEU F 129 7.38 -5.11 -31.55
CA LEU F 129 6.46 -4.67 -30.51
C LEU F 129 7.01 -3.39 -29.89
N GLY F 130 6.36 -2.27 -30.18
CA GLY F 130 6.83 -0.98 -29.67
C GLY F 130 8.25 -0.68 -30.11
N ASN F 131 9.15 -0.50 -29.15
CA ASN F 131 10.54 -0.16 -29.47
C ASN F 131 11.44 -1.37 -29.50
N ASP F 132 10.83 -2.56 -29.51
CA ASP F 132 11.59 -3.79 -29.45
C ASP F 132 11.32 -4.66 -30.67
N VAL F 133 12.36 -5.33 -31.17
CA VAL F 133 12.22 -6.24 -32.30
C VAL F 133 12.78 -7.62 -31.97
N PHE F 134 12.03 -8.66 -32.31
CA PHE F 134 12.44 -10.03 -32.03
C PHE F 134 12.53 -10.81 -33.33
N LEU F 135 13.73 -11.31 -33.63
CA LEU F 135 13.95 -11.98 -34.91
C LEU F 135 14.45 -13.40 -34.70
N THR F 136 14.15 -14.26 -35.66
CA THR F 136 14.71 -15.60 -35.65
C THR F 136 15.35 -15.95 -36.99
N ALA F 137 16.22 -16.94 -36.96
CA ALA F 137 16.92 -17.39 -38.16
C ALA F 137 17.32 -18.84 -38.00
N HIS F 138 17.70 -19.46 -39.11
CA HIS F 138 18.08 -20.86 -39.12
C HIS F 138 19.16 -21.06 -40.16
N ALA F 139 20.42 -20.92 -39.75
CA ALA F 139 21.56 -21.05 -40.64
C ALA F 139 21.70 -22.45 -41.22
N LEU F 140 22.45 -22.58 -42.30
CA LEU F 140 22.61 -23.87 -42.98
C LEU F 140 23.38 -24.88 -42.13
N ALA F 141 23.07 -26.16 -42.34
CA ALA F 141 23.59 -27.23 -41.48
C ALA F 141 25.03 -27.70 -41.78
N SER F 142 25.77 -26.96 -42.60
CA SER F 142 27.15 -27.34 -42.91
C SER F 142 28.16 -26.60 -42.05
N GLY F 143 27.85 -26.46 -40.76
CA GLY F 143 28.69 -25.73 -39.83
C GLY F 143 28.30 -24.27 -39.75
N GLY F 144 27.08 -23.97 -40.15
CA GLY F 144 26.54 -22.61 -40.13
C GLY F 144 27.36 -21.53 -40.83
N PRO F 145 27.65 -21.74 -42.13
CA PRO F 145 28.54 -20.81 -42.85
C PRO F 145 27.92 -19.42 -43.05
N ASP F 146 26.60 -19.33 -43.03
CA ASP F 146 25.92 -18.07 -43.26
C ASP F 146 25.52 -17.36 -41.96
N ALA F 147 25.91 -17.94 -40.83
CA ALA F 147 25.54 -17.38 -39.53
C ALA F 147 26.05 -15.94 -39.37
N ALA F 148 27.28 -15.69 -39.81
CA ALA F 148 27.85 -14.35 -39.72
C ALA F 148 27.11 -13.38 -40.62
N ALA F 149 26.73 -13.84 -41.81
CA ALA F 149 26.01 -13.00 -42.77
C ALA F 149 24.60 -12.70 -42.25
N ILE F 150 24.00 -13.67 -41.58
CA ILE F 150 22.71 -13.51 -40.93
C ILE F 150 22.73 -12.39 -39.88
N VAL F 151 23.78 -12.37 -39.06
CA VAL F 151 23.95 -11.33 -38.06
C VAL F 151 24.26 -9.99 -38.74
N ARG F 152 25.06 -10.04 -39.80
CA ARG F 152 25.49 -8.84 -40.50
C ARG F 152 24.32 -8.10 -41.15
N VAL F 153 23.44 -8.84 -41.82
CA VAL F 153 22.31 -8.24 -42.50
C VAL F 153 21.35 -7.62 -41.47
N THR F 154 21.28 -8.23 -40.30
CA THR F 154 20.45 -7.72 -39.20
C THR F 154 21.05 -6.44 -38.63
N ILE F 155 22.34 -6.48 -38.33
CA ILE F 155 23.08 -5.32 -37.84
C ILE F 155 22.93 -4.13 -38.79
N ASN F 156 23.16 -4.38 -40.07
CA ASN F 156 23.16 -3.30 -41.05
C ASN F 156 21.78 -2.71 -41.30
N PHE F 157 20.74 -3.53 -41.18
CA PHE F 157 19.40 -3.02 -41.40
C PHE F 157 18.99 -2.06 -40.30
N PHE F 158 19.30 -2.41 -39.05
CA PHE F 158 18.84 -1.63 -37.92
C PHE F 158 19.76 -0.46 -37.58
N ARG F 159 20.88 -0.38 -38.28
CA ARG F 159 21.78 0.76 -38.16
C ARG F 159 21.28 1.96 -38.93
N GLN F 160 20.30 1.74 -39.79
CA GLN F 160 19.72 2.84 -40.57
C GLN F 160 19.14 3.88 -39.60
N PRO F 161 19.37 5.17 -39.91
CA PRO F 161 18.98 6.30 -39.05
C PRO F 161 17.59 6.16 -38.45
N GLN F 162 16.62 5.71 -39.25
CA GLN F 162 15.26 5.51 -38.78
C GLN F 162 15.15 4.36 -37.79
N MET F 163 16.09 3.42 -37.87
CA MET F 163 15.97 2.16 -37.13
C MET F 163 16.84 2.09 -35.87
N ARG F 164 17.72 3.07 -35.70
CA ARG F 164 18.69 3.05 -34.60
C ARG F 164 18.10 3.10 -33.19
N HIS F 165 16.88 3.61 -33.07
CA HIS F 165 16.25 3.75 -31.76
C HIS F 165 15.75 2.41 -31.24
N LEU F 166 15.61 1.44 -32.14
CA LEU F 166 15.03 0.14 -31.79
C LEU F 166 16.04 -0.77 -31.09
N SER F 167 15.56 -1.49 -30.08
CA SER F 167 16.31 -2.60 -29.50
C SER F 167 15.94 -3.84 -30.29
N TRP F 168 16.93 -4.54 -30.82
CA TRP F 168 16.64 -5.80 -31.52
C TRP F 168 17.37 -6.98 -30.93
N PHE F 169 16.69 -8.12 -30.93
CA PHE F 169 17.24 -9.35 -30.38
C PHE F 169 17.00 -10.50 -31.35
N LEU F 170 18.08 -11.18 -31.73
CA LEU F 170 18.00 -12.27 -32.68
C LEU F 170 18.37 -13.61 -32.02
N ALA F 171 17.47 -14.57 -32.09
CA ALA F 171 17.71 -15.91 -31.54
C ALA F 171 17.23 -17.03 -32.45
N GLY F 172 18.02 -18.08 -32.55
CA GLY F 172 17.69 -19.22 -33.38
C GLY F 172 18.83 -20.20 -33.47
N ASP F 173 18.81 -21.02 -34.52
CA ASP F 173 19.82 -22.05 -34.72
C ASP F 173 20.90 -21.58 -35.69
N PHE F 174 22.05 -21.18 -35.14
CA PHE F 174 23.15 -20.66 -35.96
C PHE F 174 24.01 -21.76 -36.55
N ASN F 175 23.84 -22.99 -36.05
CA ASN F 175 24.62 -24.15 -36.50
C ASN F 175 26.13 -23.94 -36.39
N ARG F 176 26.55 -23.14 -35.41
CA ARG F 176 27.94 -22.80 -35.21
C ARG F 176 28.14 -22.33 -33.77
N SER F 177 29.27 -22.70 -33.18
CA SER F 177 29.57 -22.35 -31.79
C SER F 177 29.63 -20.83 -31.61
N PRO F 178 29.20 -20.35 -30.43
CA PRO F 178 29.21 -18.92 -30.12
C PRO F 178 30.61 -18.31 -30.24
N ASP F 179 31.64 -19.07 -29.88
CA ASP F 179 33.04 -18.66 -30.01
C ASP F 179 33.36 -18.20 -31.42
N ARG F 180 33.05 -19.07 -32.38
CA ARG F 180 33.39 -18.85 -33.77
C ARG F 180 32.63 -17.67 -34.35
N LEU F 181 31.37 -17.51 -33.94
CA LEU F 181 30.55 -16.41 -34.42
C LEU F 181 31.17 -15.09 -34.00
N GLU F 182 31.71 -15.04 -32.79
CA GLU F 182 32.39 -13.84 -32.31
C GLU F 182 33.67 -13.59 -33.09
N ASN F 183 34.33 -14.67 -33.52
CA ASN F 183 35.53 -14.54 -34.37
C ASN F 183 35.16 -14.08 -35.78
N ASP F 184 34.06 -14.61 -36.30
CA ASP F 184 33.58 -14.22 -37.62
C ASP F 184 33.21 -12.75 -37.63
N LEU F 185 32.46 -12.33 -36.63
CA LEU F 185 32.06 -10.94 -36.49
C LEU F 185 33.29 -10.05 -36.28
N MET F 186 34.26 -10.55 -35.52
CA MET F 186 35.49 -9.81 -35.30
C MET F 186 36.19 -9.58 -36.63
N THR F 187 36.16 -10.60 -37.48
CA THR F 187 36.73 -10.49 -38.82
C THR F 187 35.90 -9.54 -39.68
N GLU F 188 34.59 -9.55 -39.46
CA GLU F 188 33.68 -8.66 -40.16
C GLU F 188 33.70 -7.25 -39.59
N HIS F 189 34.51 -7.05 -38.55
CA HIS F 189 34.59 -5.77 -37.84
C HIS F 189 33.24 -5.39 -37.24
N LEU F 190 32.57 -6.37 -36.61
CA LEU F 190 31.22 -6.18 -36.11
C LEU F 190 31.08 -6.77 -34.71
N GLU F 191 32.18 -7.26 -34.15
CA GLU F 191 32.16 -8.01 -32.90
C GLU F 191 31.68 -7.19 -31.70
N ARG F 192 31.77 -5.87 -31.80
CA ARG F 192 31.41 -5.00 -30.67
C ARG F 192 30.04 -4.33 -30.78
N VAL F 193 29.43 -4.43 -31.96
CA VAL F 193 28.10 -3.90 -32.19
C VAL F 193 27.06 -4.72 -31.44
N VAL F 194 27.34 -6.02 -31.31
CA VAL F 194 26.40 -6.94 -30.70
C VAL F 194 27.04 -7.70 -29.55
N ALA F 195 26.21 -8.39 -28.77
CA ALA F 195 26.69 -9.33 -27.77
C ALA F 195 26.02 -10.68 -27.95
N VAL F 196 26.82 -11.74 -28.05
CA VAL F 196 26.30 -13.10 -28.19
C VAL F 196 25.93 -13.65 -26.82
N LEU F 197 24.70 -14.15 -26.69
CA LEU F 197 24.23 -14.69 -25.42
C LEU F 197 23.93 -16.18 -25.56
N ALA F 198 24.79 -17.00 -24.99
CA ALA F 198 24.69 -18.44 -25.15
C ALA F 198 24.67 -19.14 -23.81
N PRO F 199 24.02 -20.31 -23.74
CA PRO F 199 24.09 -21.12 -22.53
C PRO F 199 25.46 -21.78 -22.45
N THR F 200 25.85 -22.25 -21.27
CA THR F 200 27.17 -22.85 -21.09
C THR F 200 27.19 -24.30 -21.57
N GLU F 201 26.00 -24.92 -21.64
CA GLU F 201 25.88 -26.31 -22.04
C GLU F 201 25.46 -26.44 -23.50
N PRO F 202 25.76 -27.58 -24.14
CA PRO F 202 25.34 -27.84 -25.52
C PRO F 202 23.83 -27.77 -25.69
N THR F 203 23.38 -27.36 -26.87
CA THR F 203 21.95 -27.22 -27.14
C THR F 203 21.44 -28.28 -28.11
N GLN F 204 22.35 -29.07 -28.66
CA GLN F 204 21.99 -30.22 -29.48
C GLN F 204 22.69 -31.49 -28.99
N ILE F 205 21.92 -32.55 -28.83
CA ILE F 205 22.46 -33.84 -28.42
C ILE F 205 23.51 -34.31 -29.40
N GLY F 206 24.75 -34.46 -28.93
CA GLY F 206 25.86 -34.79 -29.82
C GLY F 206 27.24 -34.52 -29.23
N GLY F 207 27.64 -33.25 -29.22
CA GLY F 207 26.83 -32.14 -29.70
C GLY F 207 27.26 -30.84 -29.08
N GLY F 208 27.09 -29.73 -29.80
CA GLY F 208 27.58 -28.44 -29.35
C GLY F 208 26.52 -27.40 -29.07
N ILE F 209 26.95 -26.14 -28.93
CA ILE F 209 26.07 -25.02 -28.65
C ILE F 209 25.64 -24.33 -29.95
N LEU F 210 24.49 -24.73 -30.47
CA LEU F 210 24.03 -24.27 -31.78
C LEU F 210 22.92 -23.23 -31.67
N ASP F 211 22.22 -23.26 -30.55
CA ASP F 211 21.05 -22.41 -30.35
C ASP F 211 21.31 -21.36 -29.29
N TYR F 212 21.30 -20.10 -29.70
CA TYR F 212 21.55 -19.01 -28.77
C TYR F 212 21.08 -17.68 -29.35
N GLY F 213 21.46 -16.58 -28.71
CA GLY F 213 20.95 -15.28 -29.08
C GLY F 213 22.01 -14.23 -29.30
N VAL F 214 21.61 -13.17 -29.98
CA VAL F 214 22.48 -12.04 -30.29
C VAL F 214 21.69 -10.77 -30.02
N ILE F 215 22.23 -9.89 -29.18
CA ILE F 215 21.55 -8.65 -28.85
C ILE F 215 22.38 -7.44 -29.25
N VAL F 216 21.74 -6.46 -29.88
CA VAL F 216 22.42 -5.23 -30.23
C VAL F 216 22.85 -4.55 -28.93
N ASP F 217 24.12 -4.13 -28.87
CA ASP F 217 24.68 -3.63 -27.61
C ASP F 217 24.10 -2.28 -27.19
N ARG F 218 23.62 -1.51 -28.16
CA ARG F 218 23.03 -0.21 -27.88
C ARG F 218 21.63 -0.36 -27.26
N ALA F 219 21.11 -1.58 -27.21
CA ALA F 219 19.84 -1.83 -26.54
C ALA F 219 19.98 -1.58 -25.04
N PRO F 220 19.10 -0.73 -24.48
CA PRO F 220 19.17 -0.41 -23.04
C PRO F 220 18.97 -1.66 -22.19
N TYR F 221 19.78 -1.81 -21.15
CA TYR F 221 19.74 -2.95 -20.25
C TYR F 221 19.93 -4.30 -20.96
N SER F 222 20.66 -4.27 -22.06
CA SER F 222 20.96 -5.50 -22.81
C SER F 222 21.78 -6.49 -21.99
N GLN F 223 22.58 -5.98 -21.06
CA GLN F 223 23.44 -6.84 -20.23
C GLN F 223 22.66 -7.61 -19.16
N ARG F 224 21.35 -7.38 -19.07
CA ARG F 224 20.52 -8.11 -18.13
C ARG F 224 20.05 -9.43 -18.72
N VAL F 225 20.02 -9.50 -20.04
CA VAL F 225 19.49 -10.68 -20.73
C VAL F 225 20.46 -11.83 -20.63
N GLU F 226 20.02 -12.92 -20.04
CA GLU F 226 20.85 -14.08 -19.84
C GLU F 226 20.31 -15.30 -20.57
N ALA F 227 21.21 -15.99 -21.29
CA ALA F 227 20.87 -17.22 -21.97
C ALA F 227 20.94 -18.39 -20.99
N LEU F 228 19.81 -19.06 -20.79
CA LEU F 228 19.74 -20.20 -19.90
C LEU F 228 19.10 -21.38 -20.62
N ARG F 229 19.80 -22.50 -20.67
CA ARG F 229 19.26 -23.67 -21.35
C ARG F 229 18.06 -24.25 -20.61
N ASN F 230 17.04 -24.59 -21.38
CA ASN F 230 15.81 -25.17 -20.85
C ASN F 230 15.91 -26.69 -20.91
N PRO F 231 15.25 -27.38 -19.97
CA PRO F 231 15.13 -28.84 -20.04
C PRO F 231 14.65 -29.29 -21.41
N GLN F 232 15.23 -30.38 -21.90
CA GLN F 232 14.97 -30.87 -23.25
C GLN F 232 13.51 -31.26 -23.44
N LEU F 233 13.02 -31.10 -24.67
CA LEU F 233 11.67 -31.49 -25.02
C LEU F 233 11.73 -32.60 -26.06
N ALA F 234 10.80 -32.59 -27.00
CA ALA F 234 10.72 -33.66 -28.01
C ALA F 234 11.50 -33.39 -29.30
N SER F 235 12.67 -32.78 -29.18
CA SER F 235 13.59 -32.72 -30.32
C SER F 235 15.01 -32.94 -29.83
N ASP F 236 15.96 -33.03 -30.76
CA ASP F 236 17.36 -33.14 -30.38
C ASP F 236 17.98 -31.77 -30.11
N HIS F 237 17.13 -30.74 -30.03
CA HIS F 237 17.57 -29.40 -29.66
C HIS F 237 16.92 -28.92 -28.36
N TYR F 238 17.77 -28.59 -27.38
CA TYR F 238 17.29 -27.98 -26.15
C TYR F 238 16.76 -26.58 -26.44
N PRO F 239 15.58 -26.25 -25.89
CA PRO F 239 15.12 -24.85 -25.96
C PRO F 239 16.04 -23.98 -25.12
N VAL F 240 16.27 -22.74 -25.54
CA VAL F 240 17.10 -21.85 -24.73
C VAL F 240 16.32 -20.59 -24.36
N ALA F 241 16.28 -20.30 -23.06
CA ALA F 241 15.58 -19.13 -22.55
C ALA F 241 16.49 -17.92 -22.49
N PHE F 242 15.91 -16.75 -22.72
CA PHE F 242 16.63 -15.49 -22.57
C PHE F 242 15.83 -14.62 -21.60
N LEU F 243 16.28 -14.59 -20.35
CA LEU F 243 15.54 -13.94 -19.27
C LEU F 243 16.37 -12.84 -18.63
N ALA F 244 15.69 -11.87 -18.03
CA ALA F 244 16.38 -10.86 -17.27
C ALA F 244 16.88 -11.46 -15.97
N ARG F 245 18.14 -11.19 -15.62
CA ARG F 245 18.70 -11.62 -14.35
C ARG F 245 17.95 -10.93 -13.22
N SER F 246 17.95 -11.55 -12.05
CA SER F 246 17.26 -10.97 -10.91
C SER F 246 17.86 -9.62 -10.54
N CYS F 247 17.04 -8.79 -9.89
CA CYS F 247 17.43 -7.43 -9.55
C CYS F 247 16.40 -6.76 -8.65
N VAL G 1 -3.56 11.06 -18.30
CA VAL G 1 -2.51 11.98 -17.89
C VAL G 1 -1.38 12.01 -18.93
N ASP G 2 -0.84 13.20 -19.17
CA ASP G 2 0.13 13.39 -20.24
C ASP G 2 1.56 13.16 -19.77
N PHE G 3 1.84 13.48 -18.51
CA PHE G 3 3.18 13.35 -17.96
C PHE G 3 3.13 12.79 -16.54
N VAL G 4 4.08 11.90 -16.23
CA VAL G 4 4.22 11.37 -14.88
C VAL G 4 5.67 11.52 -14.42
N TYR G 5 5.95 11.11 -13.20
CA TYR G 5 7.27 11.35 -12.62
C TYR G 5 7.80 10.18 -11.82
N ARG G 6 9.12 10.08 -11.77
CA ARG G 6 9.81 9.22 -10.83
C ARG G 6 10.95 10.00 -10.16
N VAL G 7 11.41 9.52 -9.02
CA VAL G 7 12.56 10.10 -8.36
C VAL G 7 13.70 9.09 -8.34
N ASP G 8 14.93 9.56 -8.55
CA ASP G 8 16.09 8.68 -8.60
C ASP G 8 17.35 9.41 -8.16
N SER G 9 18.30 8.66 -7.61
CA SER G 9 19.57 9.26 -7.21
C SER G 9 20.55 9.18 -8.39
N THR G 10 20.16 8.42 -9.42
CA THR G 10 20.97 8.28 -10.61
C THR G 10 20.92 9.57 -11.42
N PRO G 11 22.11 10.11 -11.77
CA PRO G 11 22.24 11.39 -12.48
C PRO G 11 21.57 11.36 -13.85
N PRO G 12 21.12 12.53 -14.33
CA PRO G 12 20.47 12.67 -15.64
C PRO G 12 21.28 12.08 -16.79
N ASP G 13 22.58 12.31 -16.80
CA ASP G 13 23.44 11.83 -17.89
C ASP G 13 23.45 10.31 -17.99
N VAL G 14 23.07 9.64 -16.90
CA VAL G 14 22.97 8.19 -16.90
C VAL G 14 21.54 7.74 -17.23
N ILE G 15 20.56 8.35 -16.57
CA ILE G 15 19.16 8.01 -16.79
C ILE G 15 18.72 8.33 -18.23
N PHE G 16 19.14 9.49 -18.73
CA PHE G 16 18.90 9.86 -20.13
C PHE G 16 19.52 8.86 -21.10
N ARG G 17 20.56 8.14 -20.65
CA ARG G 17 21.18 7.11 -21.47
C ARG G 17 20.46 5.76 -21.41
N ASP G 18 19.94 5.40 -20.24
CA ASP G 18 19.41 4.05 -20.04
C ASP G 18 17.90 3.97 -19.86
N GLY G 19 17.31 4.99 -19.24
CA GLY G 19 15.92 4.94 -18.83
C GLY G 19 15.74 4.07 -17.59
N PHE G 20 14.51 3.69 -17.30
CA PHE G 20 14.20 2.90 -16.10
C PHE G 20 13.82 1.46 -16.43
N SER G 21 14.41 0.51 -15.72
CA SER G 21 14.19 -0.91 -16.00
C SER G 21 13.30 -1.59 -14.95
N LEU G 22 12.48 -2.54 -15.40
CA LEU G 22 11.64 -3.32 -14.50
C LEU G 22 12.51 -4.19 -13.60
N LEU G 23 12.01 -4.50 -12.41
CA LEU G 23 12.70 -5.39 -11.50
C LEU G 23 12.69 -6.84 -12.01
N GLY G 24 11.54 -7.32 -12.49
CA GLY G 24 11.44 -8.67 -12.97
C GLY G 24 10.19 -8.97 -13.77
N TYR G 25 9.69 -10.20 -13.64
CA TYR G 25 8.56 -10.69 -14.43
C TYR G 25 7.26 -10.92 -13.62
N ASN G 26 7.26 -10.53 -12.35
CA ASN G 26 6.09 -10.75 -11.51
C ASN G 26 4.94 -9.81 -11.86
N ARG G 27 3.90 -10.35 -12.48
CA ARG G 27 2.77 -9.57 -12.97
C ARG G 27 1.69 -9.32 -11.92
N ASN G 28 1.81 -9.99 -10.77
CA ASN G 28 0.76 -9.94 -9.75
C ASN G 28 0.47 -8.51 -9.32
N PHE G 29 -0.75 -8.06 -9.61
CA PHE G 29 -1.10 -6.66 -9.40
C PHE G 29 -1.23 -6.32 -7.93
N GLN G 30 -1.86 -7.20 -7.16
CA GLN G 30 -2.07 -6.97 -5.74
C GLN G 30 -0.74 -6.97 -4.97
N GLN G 31 0.19 -7.80 -5.43
CA GLN G 31 1.54 -7.80 -4.88
C GLN G 31 2.33 -6.55 -5.27
N PHE G 32 1.91 -5.86 -6.32
CA PHE G 32 2.57 -4.62 -6.69
C PHE G 32 2.06 -3.39 -5.92
N ILE G 33 0.75 -3.29 -5.75
CA ILE G 33 0.18 -2.12 -5.07
C ILE G 33 0.45 -2.15 -3.56
N SER G 34 0.60 -3.34 -3.00
CA SER G 34 0.95 -3.51 -1.60
C SER G 34 2.46 -3.40 -1.42
N GLY G 35 3.17 -3.37 -2.54
CA GLY G 35 4.62 -3.25 -2.54
C GLY G 35 5.38 -4.54 -2.27
N ARG G 36 4.69 -5.67 -2.37
CA ARG G 36 5.29 -6.96 -2.03
C ARG G 36 6.25 -7.45 -3.10
N SER G 37 6.04 -7.02 -4.35
CA SER G 37 6.94 -7.39 -5.43
C SER G 37 8.01 -6.33 -5.68
N CYS G 38 8.05 -5.30 -4.84
CA CYS G 38 9.04 -4.25 -4.97
C CYS G 38 10.26 -4.44 -4.07
N SER G 39 11.11 -3.42 -4.01
CA SER G 39 12.48 -3.59 -3.50
C SER G 39 12.57 -4.07 -2.05
N GLY G 40 11.48 -3.91 -1.29
CA GLY G 40 11.47 -4.37 0.08
C GLY G 40 10.96 -5.79 0.21
N GLY G 41 10.36 -6.30 -0.86
CA GLY G 41 9.78 -7.63 -0.86
C GLY G 41 10.52 -8.57 -1.79
N SER G 42 9.79 -9.17 -2.72
CA SER G 42 10.38 -10.14 -3.63
C SER G 42 11.21 -9.48 -4.72
N SER G 43 11.09 -8.16 -4.85
CA SER G 43 11.98 -7.39 -5.72
C SER G 43 12.00 -7.86 -7.17
N ASP G 44 10.82 -8.21 -7.70
CA ASP G 44 10.75 -8.81 -9.03
C ASP G 44 9.55 -8.31 -9.84
N SER G 45 8.98 -7.19 -9.40
CA SER G 45 7.80 -6.61 -10.05
C SER G 45 8.01 -6.31 -11.53
N ARG G 46 7.01 -6.64 -12.34
CA ARG G 46 7.03 -6.39 -13.78
C ARG G 46 6.31 -5.08 -14.09
N TYR G 47 6.41 -4.12 -13.17
CA TYR G 47 5.85 -2.79 -13.38
C TYR G 47 6.79 -1.74 -12.82
N ILE G 48 6.68 -0.52 -13.33
CA ILE G 48 7.33 0.62 -12.71
C ILE G 48 6.26 1.60 -12.26
N ALA G 49 6.31 1.97 -10.99
CA ALA G 49 5.38 2.93 -10.44
C ALA G 49 5.84 4.34 -10.76
N THR G 50 4.91 5.16 -11.25
CA THR G 50 5.14 6.59 -11.42
C THR G 50 4.02 7.35 -10.73
N THR G 51 4.16 8.66 -10.65
CA THR G 51 3.10 9.49 -10.08
C THR G 51 2.89 10.69 -10.96
N SER G 52 1.66 11.19 -10.99
CA SER G 52 1.32 12.35 -11.78
C SER G 52 1.48 13.61 -10.94
N SER G 53 1.80 13.41 -9.66
CA SER G 53 1.87 14.48 -8.67
C SER G 53 3.29 14.96 -8.40
N VAL G 54 3.56 16.22 -8.75
CA VAL G 54 4.84 16.84 -8.45
C VAL G 54 5.08 16.86 -6.93
N ASN G 55 4.02 17.10 -6.17
CA ASN G 55 4.14 17.17 -4.72
C ASN G 55 4.51 15.84 -4.09
N GLN G 56 4.08 14.74 -4.72
CA GLN G 56 4.44 13.42 -4.24
C GLN G 56 5.93 13.16 -4.46
N THR G 57 6.50 13.78 -5.49
CA THR G 57 7.93 13.64 -5.74
C THR G 57 8.71 14.41 -4.70
N TYR G 58 8.15 15.52 -4.25
CA TYR G 58 8.75 16.26 -3.13
C TYR G 58 8.71 15.40 -1.86
N ALA G 59 7.64 14.64 -1.69
CA ALA G 59 7.47 13.83 -0.49
C ALA G 59 8.44 12.65 -0.50
N ILE G 60 8.64 12.07 -1.67
CA ILE G 60 9.59 10.98 -1.85
C ILE G 60 11.00 11.45 -1.51
N ALA G 61 11.37 12.62 -2.06
CA ALA G 61 12.69 13.21 -1.80
C ALA G 61 12.85 13.55 -0.33
N ARG G 62 11.83 14.15 0.26
CA ARG G 62 11.85 14.48 1.68
C ARG G 62 12.02 13.24 2.55
N ALA G 63 11.48 12.11 2.11
CA ALA G 63 11.57 10.89 2.92
C ALA G 63 12.99 10.32 2.90
N TYR G 64 13.74 10.64 1.86
CA TYR G 64 15.16 10.26 1.79
C TYR G 64 16.04 11.30 2.46
N TYR G 65 15.81 12.56 2.10
CA TYR G 65 16.63 13.67 2.61
C TYR G 65 16.53 13.84 4.13
N SER G 66 15.39 13.46 4.70
CA SER G 66 15.18 13.62 6.14
C SER G 66 15.92 12.57 6.96
N ARG G 67 16.50 11.59 6.30
CA ARG G 67 17.31 10.58 6.98
C ARG G 67 18.77 11.02 7.03
N SER G 68 19.38 10.88 8.19
CA SER G 68 20.75 11.34 8.42
C SER G 68 21.79 10.34 7.89
N THR G 69 21.33 9.15 7.54
CA THR G 69 22.19 8.15 6.94
C THR G 69 22.26 8.32 5.42
N PHE G 70 21.41 9.20 4.88
CA PHE G 70 21.38 9.43 3.44
C PHE G 70 22.21 10.65 3.05
N LYS G 71 23.01 10.51 2.00
CA LYS G 71 23.96 11.56 1.64
C LYS G 71 23.91 11.97 0.17
N GLY G 72 23.12 11.27 -0.64
CA GLY G 72 23.09 11.51 -2.06
C GLY G 72 22.32 12.71 -2.56
N ASN G 73 22.18 12.79 -3.88
CA ASN G 73 21.40 13.84 -4.53
C ASN G 73 20.25 13.22 -5.31
N LEU G 74 19.12 13.89 -5.33
CA LEU G 74 17.92 13.34 -5.95
C LEU G 74 17.42 14.18 -7.10
N TYR G 75 16.87 13.53 -8.12
CA TYR G 75 16.31 14.23 -9.26
C TYR G 75 14.88 13.76 -9.52
N ARG G 76 14.07 14.66 -10.04
CA ARG G 76 12.75 14.32 -10.54
C ARG G 76 12.83 14.19 -12.04
N TYR G 77 12.37 13.07 -12.56
CA TYR G 77 12.36 12.85 -14.00
C TYR G 77 10.96 12.97 -14.55
N GLN G 78 10.76 13.88 -15.48
CA GLN G 78 9.46 14.05 -16.13
C GLN G 78 9.34 13.08 -17.29
N ILE G 79 8.32 12.22 -17.23
CA ILE G 79 8.14 11.16 -18.21
C ILE G 79 6.86 11.34 -19.00
N ARG G 80 6.95 11.26 -20.32
CA ARG G 80 5.76 11.30 -21.15
C ARG G 80 5.05 9.95 -21.09
N ALA G 81 3.78 9.95 -20.72
CA ALA G 81 3.02 8.71 -20.60
C ALA G 81 2.49 8.25 -21.96
N ASP G 82 2.55 6.95 -22.21
CA ASP G 82 1.95 6.40 -23.42
C ASP G 82 1.01 5.23 -23.08
N ASN G 83 0.69 4.41 -24.08
CA ASN G 83 -0.29 3.35 -23.90
C ASN G 83 0.17 2.18 -23.02
N ASN G 84 1.39 2.26 -22.53
CA ASN G 84 1.89 1.25 -21.60
C ASN G 84 1.88 1.75 -20.17
N PHE G 85 1.23 2.90 -19.95
CA PHE G 85 1.07 3.50 -18.64
C PHE G 85 -0.41 3.45 -18.22
N TYR G 86 -0.68 2.84 -17.08
CA TYR G 86 -2.06 2.60 -16.66
C TYR G 86 -2.31 3.14 -15.27
N SER G 87 -3.51 3.68 -15.04
CA SER G 87 -3.93 4.04 -13.69
C SER G 87 -4.34 2.77 -12.94
N LEU G 88 -4.42 2.86 -11.62
CA LEU G 88 -4.76 1.69 -10.81
C LEU G 88 -6.22 1.26 -10.95
N LEU G 89 -7.13 2.22 -10.86
CA LEU G 89 -8.56 1.93 -10.67
C LEU G 89 -9.25 0.98 -11.65
N PRO G 90 -8.97 1.11 -12.97
CA PRO G 90 -9.64 0.17 -13.88
C PRO G 90 -9.19 -1.29 -13.69
N SER G 91 -7.99 -1.50 -13.17
CA SER G 91 -7.50 -2.84 -12.92
C SER G 91 -7.97 -3.35 -11.55
N ILE G 92 -8.10 -2.44 -10.59
CA ILE G 92 -8.70 -2.77 -9.31
C ILE G 92 -10.13 -3.24 -9.55
N THR G 93 -10.86 -2.44 -10.32
CA THR G 93 -12.25 -2.74 -10.68
C THR G 93 -12.39 -4.09 -11.37
N TYR G 94 -11.55 -4.34 -12.37
CA TYR G 94 -11.61 -5.58 -13.14
C TYR G 94 -11.34 -6.81 -12.28
N LEU G 95 -10.24 -6.78 -11.54
CA LEU G 95 -9.84 -7.91 -10.69
C LEU G 95 -10.92 -8.24 -9.65
N GLU G 96 -11.69 -7.24 -9.25
CA GLU G 96 -12.79 -7.43 -8.32
C GLU G 96 -13.94 -8.23 -8.93
N THR G 97 -14.15 -8.04 -10.23
CA THR G 97 -15.18 -8.82 -10.95
C THR G 97 -14.70 -10.26 -11.15
N GLN G 98 -13.41 -10.49 -10.94
CA GLN G 98 -12.83 -11.82 -11.08
C GLN G 98 -12.61 -12.49 -9.71
N GLY G 99 -13.40 -12.07 -8.71
CA GLY G 99 -13.37 -12.68 -7.41
C GLY G 99 -12.29 -12.15 -6.48
N GLY G 100 -11.62 -11.08 -6.90
CA GLY G 100 -10.56 -10.50 -6.10
C GLY G 100 -11.12 -9.54 -5.06
N HIS G 101 -10.36 -9.31 -3.99
CA HIS G 101 -10.77 -8.36 -2.97
C HIS G 101 -9.63 -7.47 -2.49
N PHE G 102 -9.90 -6.18 -2.39
CA PHE G 102 -8.97 -5.22 -1.84
C PHE G 102 -9.56 -4.61 -0.58
N ASN G 103 -8.85 -4.79 0.53
CA ASN G 103 -9.30 -4.32 1.82
C ASN G 103 -9.16 -2.80 1.91
N ALA G 104 -9.64 -2.23 3.01
CA ALA G 104 -9.66 -0.79 3.20
C ALA G 104 -8.28 -0.18 3.36
N TYR G 105 -7.30 -0.97 3.80
CA TYR G 105 -5.94 -0.48 3.90
C TYR G 105 -5.35 -0.30 2.51
N GLU G 106 -5.52 -1.32 1.67
CA GLU G 106 -5.03 -1.26 0.31
C GLU G 106 -5.65 -0.12 -0.48
N LYS G 107 -6.96 0.09 -0.28
CA LYS G 107 -7.69 1.13 -1.00
C LYS G 107 -7.41 2.56 -0.49
N THR G 108 -7.21 2.71 0.82
CA THR G 108 -6.76 3.97 1.37
C THR G 108 -5.34 4.27 0.87
N MET G 109 -4.52 3.23 0.81
CA MET G 109 -3.13 3.35 0.37
C MET G 109 -3.07 3.88 -1.06
N MET G 110 -3.72 3.16 -1.97
CA MET G 110 -3.72 3.51 -3.40
C MET G 110 -4.22 4.92 -3.66
N ARG G 111 -5.26 5.31 -2.94
CA ARG G 111 -5.87 6.63 -3.10
C ARG G 111 -4.86 7.76 -2.90
N LEU G 112 -3.86 7.52 -2.06
CA LEU G 112 -2.88 8.53 -1.69
C LEU G 112 -1.70 8.64 -2.63
N GLN G 113 -1.64 7.78 -3.64
CA GLN G 113 -0.42 7.64 -4.45
C GLN G 113 -0.40 8.41 -5.76
N ARG G 114 -1.57 8.69 -6.33
CA ARG G 114 -1.67 9.32 -7.66
C ARG G 114 -0.83 8.54 -8.65
N GLU G 115 -0.99 7.22 -8.62
CA GLU G 115 -0.04 6.31 -9.21
C GLU G 115 -0.45 5.79 -10.59
N TYR G 116 0.52 5.79 -11.50
CA TYR G 116 0.35 5.20 -12.82
C TYR G 116 1.50 4.21 -13.03
N VAL G 117 1.20 3.05 -13.58
CA VAL G 117 2.21 2.00 -13.72
C VAL G 117 2.57 1.75 -15.17
N SER G 118 3.85 1.49 -15.40
CA SER G 118 4.33 1.17 -16.75
C SER G 118 4.58 -0.32 -16.83
N THR G 119 4.04 -0.94 -17.89
CA THR G 119 4.17 -2.39 -18.07
C THR G 119 5.48 -2.78 -18.73
N LEU G 120 6.12 -1.81 -19.37
CA LEU G 120 7.41 -2.02 -20.00
C LEU G 120 8.44 -1.12 -19.35
N SER G 121 9.72 -1.31 -19.67
CA SER G 121 10.75 -0.41 -19.22
C SER G 121 10.48 0.97 -19.79
N ILE G 122 10.98 2.00 -19.11
CA ILE G 122 10.74 3.36 -19.54
C ILE G 122 11.93 3.90 -20.32
N LEU G 123 11.69 4.22 -21.58
CA LEU G 123 12.75 4.60 -22.51
C LEU G 123 13.23 6.04 -22.35
N PRO G 124 14.51 6.29 -22.67
CA PRO G 124 15.09 7.63 -22.77
C PRO G 124 14.22 8.55 -23.64
N GLU G 125 13.62 7.99 -24.68
CA GLU G 125 12.73 8.77 -25.57
C GLU G 125 11.51 9.37 -24.85
N ASN G 126 11.04 8.72 -23.78
CA ASN G 126 9.90 9.21 -23.00
C ASN G 126 10.27 10.26 -21.95
N ILE G 127 11.57 10.32 -21.63
CA ILE G 127 12.03 11.18 -20.54
C ILE G 127 12.40 12.58 -21.02
N GLN G 128 11.52 13.55 -20.75
CA GLN G 128 11.68 14.89 -21.27
C GLN G 128 12.76 15.71 -20.57
N LYS G 129 12.80 15.63 -19.24
CA LYS G 129 13.73 16.46 -18.50
C LYS G 129 14.03 15.88 -17.12
N ALA G 130 15.09 16.40 -16.51
CA ALA G 130 15.40 16.09 -15.13
C ALA G 130 15.45 17.40 -14.35
N VAL G 131 14.75 17.44 -13.23
CA VAL G 131 14.87 18.58 -12.33
C VAL G 131 15.46 18.10 -11.01
N ALA G 132 16.52 18.75 -10.56
CA ALA G 132 17.14 18.43 -9.30
C ALA G 132 16.18 18.77 -8.15
N LEU G 133 16.16 17.92 -7.12
CA LEU G 133 15.40 18.18 -5.91
C LEU G 133 16.35 18.58 -4.78
N VAL G 134 16.21 19.81 -4.31
CA VAL G 134 17.15 20.35 -3.33
C VAL G 134 16.52 20.51 -1.96
N TYR G 135 17.24 20.04 -0.93
CA TYR G 135 16.71 19.98 0.42
C TYR G 135 17.37 20.97 1.37
N ASP G 136 16.56 21.82 1.98
CA ASP G 136 17.03 22.74 3.01
C ASP G 136 16.81 22.07 4.38
N SER G 137 17.89 21.51 4.93
CA SER G 137 17.82 20.72 6.15
C SER G 137 17.25 21.50 7.35
N ALA G 138 17.40 22.82 7.31
CA ALA G 138 16.93 23.68 8.40
C ALA G 138 15.41 23.74 8.46
N THR G 139 14.77 23.69 7.29
CA THR G 139 13.35 23.96 7.20
C THR G 139 12.55 22.72 6.80
N GLY G 140 13.22 21.78 6.14
CA GLY G 140 12.54 20.62 5.58
C GLY G 140 11.94 20.92 4.22
N LEU G 141 12.13 22.13 3.75
CA LEU G 141 11.62 22.53 2.44
C LEU G 141 12.35 21.82 1.32
N VAL G 142 11.60 21.38 0.31
CA VAL G 142 12.17 20.82 -0.90
C VAL G 142 11.87 21.76 -2.06
N LYS G 143 12.89 22.15 -2.81
CA LYS G 143 12.70 23.07 -3.93
C LYS G 143 13.31 22.50 -5.21
N ASP G 144 12.81 22.94 -6.35
CA ASP G 144 13.44 22.59 -7.63
C ASP G 144 14.80 23.26 -7.78
N GLY G 145 15.79 22.49 -8.20
CA GLY G 145 17.11 23.03 -8.49
C GLY G 145 17.35 23.15 -9.99
N VAL G 146 18.53 22.74 -10.43
CA VAL G 146 18.87 22.78 -11.85
C VAL G 146 18.00 21.85 -12.69
N SER G 147 17.50 22.37 -13.81
CA SER G 147 16.68 21.61 -14.74
C SER G 147 17.45 21.30 -16.02
N THR G 148 17.39 20.04 -16.47
CA THR G 148 18.17 19.60 -17.63
C THR G 148 17.33 18.89 -18.68
N MET G 149 17.27 19.44 -19.89
CA MET G 149 16.53 18.82 -20.98
C MET G 149 17.27 17.58 -21.48
N ASN G 150 16.52 16.51 -21.76
CA ASN G 150 17.07 15.34 -22.43
C ASN G 150 16.99 15.49 -23.95
N ALA G 151 18.14 15.44 -24.61
CA ALA G 151 18.20 15.60 -26.06
C ALA G 151 17.52 14.48 -26.83
N SER G 152 17.53 13.26 -26.28
CA SER G 152 17.01 12.11 -27.01
C SER G 152 15.49 11.99 -26.90
N TYR G 153 14.87 12.90 -26.15
CA TYR G 153 13.43 12.85 -25.93
C TYR G 153 12.64 13.09 -27.21
N LEU G 154 11.60 12.29 -27.42
CA LEU G 154 10.69 12.47 -28.55
C LEU G 154 9.33 12.96 -28.07
N GLY G 155 8.98 14.18 -28.45
CA GLY G 155 7.69 14.76 -28.11
C GLY G 155 6.56 14.16 -28.92
N LEU G 156 6.37 12.84 -28.78
CA LEU G 156 5.31 12.14 -29.51
C LEU G 156 3.96 12.52 -28.95
N SER G 157 2.90 12.22 -29.70
CA SER G 157 1.54 12.52 -29.28
C SER G 157 0.92 11.31 -28.59
N THR G 158 1.28 11.13 -27.33
CA THR G 158 0.81 10.00 -26.55
C THR G 158 0.22 10.47 -25.23
N THR G 159 -0.60 9.62 -24.62
CA THR G 159 -1.13 9.88 -23.29
C THR G 159 -1.29 8.56 -22.58
N SER G 160 -1.59 8.60 -21.28
CA SER G 160 -1.72 7.36 -20.51
C SER G 160 -2.89 6.51 -20.98
N ASN G 161 -2.75 5.20 -20.83
CA ASN G 161 -3.79 4.26 -21.19
C ASN G 161 -4.90 4.27 -20.14
N PRO G 162 -6.15 4.54 -20.57
CA PRO G 162 -7.26 4.64 -19.62
C PRO G 162 -7.90 3.29 -19.31
N GLY G 163 -7.35 2.21 -19.86
CA GLY G 163 -7.96 0.90 -19.73
C GLY G 163 -7.34 0.00 -18.68
N VAL G 164 -7.58 -1.30 -18.83
CA VAL G 164 -7.12 -2.30 -17.89
C VAL G 164 -5.78 -2.88 -18.31
N ILE G 165 -4.86 -3.00 -17.36
CA ILE G 165 -3.59 -3.68 -17.56
C ILE G 165 -3.81 -5.08 -18.13
N PRO G 166 -3.13 -5.41 -19.23
CA PRO G 166 -3.31 -6.70 -19.89
C PRO G 166 -2.56 -7.82 -19.17
N PHE G 167 -2.97 -9.06 -19.41
CA PHE G 167 -2.28 -10.22 -18.87
C PHE G 167 -2.28 -10.27 -17.34
N LEU G 168 -3.27 -9.65 -16.71
CA LEU G 168 -3.37 -9.69 -15.24
C LEU G 168 -3.60 -11.11 -14.76
N PRO G 169 -2.86 -11.54 -13.72
CA PRO G 169 -3.12 -12.82 -13.06
C PRO G 169 -4.41 -12.73 -12.23
N GLU G 170 -5.10 -13.85 -12.06
CA GLU G 170 -6.41 -13.87 -11.41
C GLU G 170 -6.49 -13.67 -9.88
N PRO G 171 -5.71 -14.44 -9.09
CA PRO G 171 -5.85 -14.43 -7.63
C PRO G 171 -5.68 -13.03 -6.99
N GLN G 172 -6.14 -12.81 -5.76
CA GLN G 172 -6.74 -13.82 -4.90
C GLN G 172 -7.89 -13.26 -4.08
N THR G 173 -8.75 -14.15 -3.59
CA THR G 173 -9.95 -13.78 -2.84
C THR G 173 -9.62 -13.06 -1.53
N TYR G 174 -8.61 -13.53 -0.82
CA TYR G 174 -8.19 -12.93 0.44
C TYR G 174 -6.69 -13.09 0.62
N THR G 175 -6.04 -12.05 1.13
CA THR G 175 -4.60 -12.10 1.35
C THR G 175 -4.20 -11.72 2.77
N GLN G 176 -4.60 -10.53 3.19
CA GLN G 176 -4.11 -9.92 4.44
C GLN G 176 -2.59 -9.92 4.47
N GLN G 177 -1.99 -9.25 3.50
CA GLN G 177 -0.55 -9.19 3.37
C GLN G 177 -0.01 -7.81 3.79
N ARG G 178 1.25 -7.80 4.19
CA ARG G 178 1.97 -6.59 4.57
C ARG G 178 1.95 -5.55 3.44
N ILE G 179 1.75 -4.28 3.80
CA ILE G 179 1.80 -3.21 2.80
C ILE G 179 3.04 -2.34 3.00
N ASP G 180 4.05 -2.56 2.17
CA ASP G 180 5.30 -1.82 2.32
C ASP G 180 5.13 -0.35 1.95
N ALA G 181 5.55 0.52 2.86
CA ALA G 181 5.42 1.95 2.68
C ALA G 181 6.64 2.67 3.24
N PHE G 182 6.80 3.94 2.87
CA PHE G 182 7.81 4.78 3.49
C PHE G 182 7.38 6.23 3.44
N GLY G 183 8.01 7.07 4.27
CA GLY G 183 7.62 8.46 4.37
C GLY G 183 6.20 8.61 4.88
N PRO G 184 5.44 9.55 4.29
CA PRO G 184 4.03 9.73 4.64
C PRO G 184 3.11 8.83 3.80
N LEU G 185 3.14 7.54 4.10
CA LEU G 185 2.31 6.54 3.43
C LEU G 185 2.53 6.49 1.91
N ILE G 186 3.80 6.52 1.50
CA ILE G 186 4.17 6.37 0.10
C ILE G 186 4.45 4.90 -0.19
N SER G 187 3.88 4.39 -1.26
CA SER G 187 4.10 2.99 -1.64
C SER G 187 5.58 2.73 -1.87
N SER G 188 6.03 1.55 -1.44
CA SER G 188 7.44 1.21 -1.54
C SER G 188 7.93 1.15 -2.99
N CYS G 189 7.00 1.01 -3.93
CA CYS G 189 7.34 0.93 -5.35
C CYS G 189 7.87 2.25 -5.90
N PHE G 190 7.77 3.30 -5.09
CA PHE G 190 8.33 4.59 -5.44
C PHE G 190 9.73 4.73 -4.87
N SER G 191 10.20 3.69 -4.19
CA SER G 191 11.58 3.71 -3.69
C SER G 191 12.53 3.75 -4.87
N ILE G 192 13.68 4.37 -4.66
CA ILE G 192 14.69 4.44 -5.71
C ILE G 192 15.09 3.03 -6.12
N GLY G 193 15.05 2.11 -5.16
CA GLY G 193 15.43 0.73 -5.41
C GLY G 193 14.42 -0.11 -6.19
N SER G 194 13.26 0.46 -6.48
CA SER G 194 12.18 -0.30 -7.12
C SER G 194 12.21 -0.26 -8.64
N VAL G 195 13.29 0.30 -9.20
CA VAL G 195 13.65 0.10 -10.59
C VAL G 195 15.03 -0.54 -10.56
N CYS G 196 15.36 -1.35 -11.56
CA CYS G 196 16.64 -2.06 -11.57
C CYS G 196 17.79 -1.12 -11.91
N HIS G 197 18.70 -0.93 -10.96
CA HIS G 197 19.86 -0.07 -11.19
C HIS G 197 21.03 -0.83 -11.77
N SER G 198 20.85 -1.39 -12.96
CA SER G 198 21.96 -1.97 -13.70
C SER G 198 22.46 -0.96 -14.72
N HIS G 199 23.38 -0.10 -14.29
CA HIS G 199 23.95 0.93 -15.15
C HIS G 199 25.41 0.65 -15.44
N ARG G 200 25.72 0.31 -16.69
CA ARG G 200 27.08 -0.04 -17.08
C ARG G 200 28.07 1.09 -16.86
N GLY G 201 29.26 0.75 -16.36
CA GLY G 201 30.30 1.71 -16.04
C GLY G 201 29.99 2.65 -14.91
N GLN G 202 28.78 2.53 -14.34
CA GLN G 202 28.31 3.43 -13.31
C GLN G 202 28.01 2.70 -12.00
N ARG G 203 29.04 2.09 -11.42
CA ARG G 203 28.84 1.33 -10.17
C ARG G 203 28.70 2.25 -8.96
N ALA G 204 27.56 2.92 -8.86
CA ALA G 204 27.24 3.73 -7.70
C ALA G 204 26.21 3.02 -6.84
N ASP G 205 26.32 3.20 -5.52
CA ASP G 205 25.41 2.54 -4.60
C ASP G 205 24.08 3.25 -4.43
N VAL G 206 23.00 2.47 -4.39
CA VAL G 206 21.68 2.99 -4.10
C VAL G 206 21.43 2.90 -2.59
N TYR G 207 21.00 4.00 -1.99
CA TYR G 207 20.67 4.01 -0.58
C TYR G 207 19.47 3.09 -0.33
N ASN G 208 19.62 2.13 0.58
CA ASN G 208 18.51 1.23 0.90
C ASN G 208 17.51 1.82 1.88
N MET G 209 16.34 2.18 1.38
CA MET G 209 15.27 2.72 2.22
C MET G 209 14.65 1.61 3.07
N SER G 210 14.30 1.93 4.31
CA SER G 210 13.56 1.00 5.17
C SER G 210 12.07 1.19 4.95
N PHE G 211 11.30 0.13 5.16
CA PHE G 211 9.84 0.23 5.02
C PHE G 211 9.09 -0.25 6.27
N TYR G 212 7.90 0.30 6.47
CA TYR G 212 7.04 -0.13 7.57
C TYR G 212 5.77 -0.69 6.98
N ASP G 213 5.08 -1.52 7.75
CA ASP G 213 3.81 -2.07 7.34
C ASP G 213 2.76 -0.97 7.47
N ALA G 214 2.08 -0.66 6.37
CA ALA G 214 1.13 0.45 6.38
C ALA G 214 -0.25 0.10 6.94
N ARG G 215 -0.54 -1.19 7.06
CA ARG G 215 -1.83 -1.62 7.61
C ARG G 215 -2.06 -1.08 9.02
N PRO G 216 -1.10 -1.32 9.96
CA PRO G 216 -1.38 -0.89 11.33
C PRO G 216 -1.38 0.63 11.42
N VAL G 217 -0.56 1.27 10.61
CA VAL G 217 -0.48 2.72 10.60
C VAL G 217 -1.82 3.29 10.15
N ILE G 218 -2.37 2.72 9.08
CA ILE G 218 -3.66 3.16 8.56
C ILE G 218 -4.81 2.84 9.54
N GLU G 219 -4.72 1.68 10.19
CA GLU G 219 -5.72 1.31 11.19
C GLU G 219 -5.75 2.32 12.34
N LEU G 220 -4.58 2.80 12.74
CA LEU G 220 -4.48 3.82 13.79
C LEU G 220 -5.14 5.14 13.42
N ILE G 221 -4.94 5.60 12.20
CA ILE G 221 -5.55 6.84 11.77
C ILE G 221 -7.03 6.64 11.41
N LEU G 222 -7.36 5.42 10.97
CA LEU G 222 -8.76 5.06 10.72
C LEU G 222 -9.54 4.96 12.03
N SER G 223 -8.89 4.41 13.05
CA SER G 223 -9.46 4.41 14.39
C SER G 223 -9.57 5.85 14.83
N LYS G 224 -10.66 6.18 15.52
CA LYS G 224 -10.95 7.56 15.90
C LYS G 224 -10.99 8.44 14.65
C1 GOL H . 8.03 25.32 34.00
O1 GOL H . 8.54 24.12 33.49
C2 GOL H . 6.58 25.50 33.57
O2 GOL H . 5.74 25.44 34.69
C3 GOL H . 6.42 26.88 32.92
O3 GOL H . 5.06 27.26 32.89
C1 GOL I . -17.69 33.74 15.49
O1 GOL I . -16.49 34.08 16.16
C2 GOL I . -18.67 33.04 16.44
O2 GOL I . -18.52 33.54 17.75
C3 GOL I . -20.10 33.30 15.98
O3 GOL I . -20.97 32.44 16.68
C1 GOL J . -4.76 -0.24 16.48
O1 GOL J . -5.53 -1.37 16.09
C2 GOL J . -5.08 0.15 17.93
O2 GOL J . -3.88 0.25 18.67
C3 GOL J . -5.83 1.48 17.95
O3 GOL J . -5.57 2.15 19.17
C1 GOL K . -38.84 9.31 14.95
O1 GOL K . -37.94 9.79 13.98
C2 GOL K . -38.06 8.50 15.98
O2 GOL K . -38.05 9.18 17.21
C3 GOL K . -38.71 7.13 16.15
O3 GOL K . -38.12 6.50 17.27
C1 GOL L . -36.00 3.56 19.24
O1 GOL L . -35.15 4.58 19.73
C2 GOL L . -35.17 2.40 18.72
O2 GOL L . -35.04 1.42 19.72
C3 GOL L . -35.85 1.79 17.50
O3 GOL L . -35.11 0.66 17.10
C1 GOL M . -23.50 -15.28 33.00
O1 GOL M . -23.25 -14.56 34.18
C2 GOL M . -24.96 -15.17 32.61
O2 GOL M . -25.46 -13.89 32.95
C3 GOL M . -25.09 -15.38 31.11
O3 GOL M . -26.45 -15.35 30.73
C1 GOL N . 18.50 -8.02 -4.21
O1 GOL N . 19.28 -7.07 -4.90
C2 GOL N . 17.49 -8.64 -5.18
O2 GOL N . 17.95 -8.48 -6.51
C3 GOL N . 17.28 -10.12 -4.89
O3 GOL N . 16.46 -10.66 -5.90
C1 GOL O . 2.93 -6.61 -21.09
O1 GOL O . 2.50 -5.66 -22.03
C2 GOL O . 4.36 -7.05 -21.42
O2 GOL O . 5.08 -7.25 -20.22
C3 GOL O . 4.32 -8.35 -22.22
O3 GOL O . 4.88 -9.41 -21.47
#